data_3EAI
#
_entry.id   3EAI
#
_cell.length_a   213.111
_cell.length_b   213.111
_cell.length_c   116.562
_cell.angle_alpha   90.000
_cell.angle_beta   90.000
_cell.angle_gamma   120.000
#
_symmetry.space_group_name_H-M   'P 61 2 2'
#
loop_
_entity.id
_entity.type
_entity.pdbx_description
1 polymer 'Nitric oxide synthase, inducible'
2 non-polymer 'PROTOPORPHYRIN IX CONTAINING FE'
3 non-polymer 5,6,7,8-TETRAHYDROBIOPTERIN
4 non-polymer 4-({4-[(4-methoxypyridin-2-yl)amino]piperidin-1-yl}carbonyl)benzonitrile
5 non-polymer 'SULFATE ION'
6 water water
#
_entity_poly.entity_id   1
_entity_poly.type   'polypeptide(L)'
_entity_poly.pdbx_seq_one_letter_code
;LDKLHVTSTRPQYVRIKNWGSGEILHDTLHHKATSDFTCKSKSCLGSIMNPKSLTRGPRDKPTPLEELLPHAIEFINQYY
GSFKEAKIEEHLARLEAVTKEIETTGTYQLTLDELIFATKMAWRNAPRCIGRIQWSNLQVFDARNCSTAQEMFQHICRHI
LYATNNGNIRSAITVFPQRSDGKHDFRLWNSQLIRYAGYQMPDGTIRGDAATLEFTQLCIDLGWKPRYGRFDVLPLVLQA
DGQDPEVFEIPPDLVLEVTMEHPKYEWFQELGLKWYALPAVANMLLEVGGLEFPACPFNGWYMGTEIGVRDFCDTQRYNI
LEEVGRRMGLETHTLASLWKDRAVTEINVAVLHSFQKQNVTIMDHHTASESFMKHMQNEYRARGGCPADWIWLVPPVSGS
ITPVFHQEMLNYVLSPFYYYQIEPWKTHIWQNE
;
_entity_poly.pdbx_strand_id   A,B
#
loop_
_chem_comp.id
_chem_comp.type
_chem_comp.name
_chem_comp.formula
328 non-polymer 4-({4-[(4-methoxypyridin-2-yl)amino]piperidin-1-yl}carbonyl)benzonitrile 'C19 H20 N4 O2'
H4B non-polymer 5,6,7,8-TETRAHYDROBIOPTERIN 'C9 H15 N5 O3'
HEM non-polymer 'PROTOPORPHYRIN IX CONTAINING FE' 'C34 H32 Fe N4 O4'
SO4 non-polymer 'SULFATE ION' 'O4 S -2'
#
# COMPACT_ATOMS: atom_id res chain seq x y z
N GLN A 12 35.27 21.84 39.36
CA GLN A 12 34.26 22.93 39.29
C GLN A 12 34.05 23.38 37.84
N TYR A 13 34.93 22.94 36.95
CA TYR A 13 34.83 23.33 35.54
C TYR A 13 35.63 22.37 34.65
N VAL A 14 35.19 22.21 33.41
CA VAL A 14 35.91 21.35 32.47
C VAL A 14 36.73 22.27 31.58
N ARG A 15 38.01 21.95 31.47
CA ARG A 15 38.97 22.72 30.67
C ARG A 15 38.83 22.34 29.21
N ILE A 16 38.71 23.34 28.35
CA ILE A 16 38.55 23.15 26.92
C ILE A 16 39.58 23.98 26.15
N LYS A 17 40.18 23.39 25.12
CA LYS A 17 41.21 24.11 24.38
C LYS A 17 41.07 24.15 22.86
N ASN A 18 41.47 25.28 22.30
CA ASN A 18 41.48 25.47 20.86
C ASN A 18 42.93 25.33 20.43
N TRP A 19 43.23 24.31 19.65
CA TRP A 19 44.59 24.07 19.22
C TRP A 19 45.10 24.92 18.08
N GLY A 20 44.30 25.89 17.66
CA GLY A 20 44.73 26.78 16.61
C GLY A 20 45.25 28.06 17.25
N SER A 21 44.56 28.49 18.30
CA SER A 21 44.92 29.72 19.00
C SER A 21 45.55 29.43 20.36
N GLY A 22 45.45 28.17 20.80
CA GLY A 22 45.99 27.82 22.09
C GLY A 22 45.07 28.28 23.21
N GLU A 23 44.00 28.98 22.83
CA GLU A 23 43.04 29.48 23.80
C GLU A 23 42.36 28.41 24.64
N ILE A 24 42.19 28.72 25.91
CA ILE A 24 41.55 27.82 26.86
C ILE A 24 40.26 28.44 27.34
N LEU A 25 39.26 27.59 27.56
CA LEU A 25 37.96 28.03 28.06
C LEU A 25 37.57 27.10 29.19
N HIS A 26 36.81 27.63 30.14
CA HIS A 26 36.36 26.84 31.29
C HIS A 26 34.86 26.64 31.21
N ASP A 27 34.44 25.40 31.17
CA ASP A 27 33.03 25.08 31.07
C ASP A 27 32.41 24.72 32.41
N THR A 28 31.42 25.49 32.81
CA THR A 28 30.71 25.25 34.07
C THR A 28 29.24 24.99 33.77
N LEU A 29 28.78 25.50 32.64
CA LEU A 29 27.39 25.35 32.23
C LEU A 29 26.95 23.89 32.19
N HIS A 30 27.88 22.99 31.92
CA HIS A 30 27.54 21.57 31.85
C HIS A 30 26.95 21.03 33.16
N HIS A 31 27.07 21.79 34.23
CA HIS A 31 26.56 21.35 35.52
C HIS A 31 25.03 21.31 35.50
N LYS A 32 24.44 22.15 34.65
CA LYS A 32 23.00 22.23 34.53
C LYS A 32 22.45 21.13 33.63
N ALA A 33 23.33 20.24 33.17
CA ALA A 33 22.92 19.14 32.29
C ALA A 33 21.86 18.26 32.97
N THR A 34 21.11 17.53 32.14
CA THR A 34 20.05 16.67 32.65
C THR A 34 20.50 15.22 32.84
N SER A 35 19.60 14.28 32.57
CA SER A 35 19.86 12.85 32.71
C SER A 35 21.17 12.44 32.04
N ASP A 36 21.49 11.14 32.13
CA ASP A 36 22.72 10.62 31.53
C ASP A 36 22.74 10.82 30.02
N PHE A 37 23.90 11.24 29.50
CA PHE A 37 24.08 11.49 28.08
C PHE A 37 24.23 10.21 27.24
N THR A 38 24.76 10.36 26.04
CA THR A 38 24.95 9.23 25.12
C THR A 38 25.99 8.23 25.63
N CYS A 39 27.23 8.66 25.69
CA CYS A 39 28.34 7.82 26.13
C CYS A 39 28.12 7.15 27.48
N LYS A 40 28.82 6.05 27.70
CA LYS A 40 28.75 5.32 28.96
C LYS A 40 29.85 5.84 29.89
N SER A 41 30.38 4.95 30.72
CA SER A 41 31.45 5.30 31.64
C SER A 41 32.75 4.91 30.97
N LYS A 42 32.76 3.71 30.40
CA LYS A 42 33.94 3.16 29.72
C LYS A 42 33.65 2.84 28.25
N SER A 43 33.07 3.81 27.54
CA SER A 43 32.73 3.65 26.12
C SER A 43 32.07 4.93 25.60
N CYS A 44 32.46 5.36 24.41
CA CYS A 44 31.90 6.56 23.81
C CYS A 44 31.08 6.19 22.56
N LEU A 45 29.89 6.75 22.48
CA LEU A 45 28.99 6.51 21.36
C LEU A 45 28.66 7.85 20.70
N GLY A 46 29.64 8.75 20.71
CA GLY A 46 29.44 10.07 20.14
C GLY A 46 29.02 10.15 18.69
N SER A 47 29.44 9.18 17.88
CA SER A 47 29.10 9.18 16.46
C SER A 47 27.76 8.53 16.14
N ILE A 48 26.97 8.22 17.15
CA ILE A 48 25.66 7.62 16.92
C ILE A 48 24.69 8.74 16.57
N MET A 49 23.95 8.56 15.48
CA MET A 49 23.01 9.59 15.04
C MET A 49 21.80 9.79 15.94
N ASN A 50 21.14 8.69 16.28
CA ASN A 50 19.93 8.77 17.09
C ASN A 50 19.97 8.01 18.40
N PRO A 51 20.76 8.50 19.37
CA PRO A 51 20.84 7.82 20.66
C PRO A 51 19.60 8.16 21.49
N LYS A 52 19.24 7.29 22.42
CA LYS A 52 18.08 7.52 23.25
C LYS A 52 18.21 8.81 24.06
N SER A 53 19.44 9.16 24.42
CA SER A 53 19.68 10.36 25.19
C SER A 53 19.20 11.63 24.49
N LEU A 54 18.99 11.55 23.18
CA LEU A 54 18.53 12.70 22.41
C LEU A 54 17.08 12.54 21.93
N THR A 55 16.47 11.42 22.30
CA THR A 55 15.09 11.11 21.91
C THR A 55 14.10 11.22 23.07
N ARG A 56 12.97 11.90 22.84
CA ARG A 56 11.93 12.03 23.86
C ARG A 56 10.72 11.32 23.26
N GLY A 57 10.44 10.12 23.77
CA GLY A 57 9.36 9.30 23.26
C GLY A 57 7.94 9.66 23.65
N PRO A 58 6.97 8.81 23.28
CA PRO A 58 5.54 9.00 23.56
C PRO A 58 5.14 8.55 24.97
N ARG A 59 4.05 9.13 25.47
CA ARG A 59 3.50 8.80 26.79
C ARG A 59 2.03 8.43 26.61
N ASP A 60 1.45 7.73 27.58
CA ASP A 60 0.03 7.37 27.51
C ASP A 60 -0.69 7.92 28.73
N LYS A 61 0.06 8.59 29.60
CA LYS A 61 -0.47 9.21 30.80
C LYS A 61 0.21 10.55 30.99
N PRO A 62 -0.45 11.48 31.68
CA PRO A 62 0.14 12.81 31.89
C PRO A 62 1.48 12.69 32.63
N THR A 63 2.17 13.82 32.76
CA THR A 63 3.44 13.84 33.45
C THR A 63 3.20 13.91 34.96
N PRO A 64 3.74 12.94 35.71
CA PRO A 64 3.57 12.94 37.17
C PRO A 64 3.84 14.32 37.74
N LEU A 65 2.87 14.85 38.48
CA LEU A 65 2.99 16.17 39.07
C LEU A 65 4.26 16.33 39.89
N GLU A 66 4.71 15.25 40.51
CA GLU A 66 5.93 15.32 41.32
C GLU A 66 7.12 15.69 40.43
N GLU A 67 7.06 15.26 39.17
CA GLU A 67 8.15 15.58 38.23
C GLU A 67 7.92 16.95 37.58
N LEU A 68 6.69 17.23 37.19
CA LEU A 68 6.36 18.48 36.53
C LEU A 68 6.63 19.76 37.33
N LEU A 69 6.03 19.87 38.50
CA LEU A 69 6.19 21.05 39.33
C LEU A 69 7.62 21.57 39.43
N PRO A 70 8.57 20.71 39.85
CA PRO A 70 9.96 21.14 39.97
C PRO A 70 10.49 21.73 38.67
N HIS A 71 10.24 21.03 37.57
CA HIS A 71 10.71 21.50 36.28
C HIS A 71 10.07 22.85 35.92
N ALA A 72 8.78 22.97 36.19
CA ALA A 72 8.08 24.23 35.91
C ALA A 72 8.70 25.36 36.73
N ILE A 73 8.99 25.08 37.99
CA ILE A 73 9.58 26.08 38.88
C ILE A 73 10.93 26.52 38.33
N GLU A 74 11.74 25.57 37.87
CA GLU A 74 13.05 25.88 37.31
C GLU A 74 12.94 26.80 36.10
N PHE A 75 12.06 26.45 35.17
CA PHE A 75 11.88 27.24 33.96
C PHE A 75 11.42 28.66 34.27
N ILE A 76 10.47 28.79 35.19
CA ILE A 76 9.96 30.10 35.56
C ILE A 76 11.10 30.95 36.11
N ASN A 77 11.98 30.32 36.89
CA ASN A 77 13.12 31.04 37.46
C ASN A 77 14.09 31.44 36.36
N GLN A 78 14.33 30.53 35.43
CA GLN A 78 15.24 30.83 34.33
C GLN A 78 14.67 31.99 33.52
N TYR A 79 13.37 31.94 33.27
CA TYR A 79 12.71 33.00 32.51
C TYR A 79 12.89 34.37 33.14
N TYR A 80 12.44 34.54 34.38
CA TYR A 80 12.57 35.82 35.06
C TYR A 80 14.01 36.23 35.29
N GLY A 81 14.89 35.24 35.44
CA GLY A 81 16.28 35.55 35.67
C GLY A 81 16.99 36.09 34.43
N SER A 82 16.29 36.11 33.30
CA SER A 82 16.89 36.57 32.06
C SER A 82 16.67 38.05 31.76
N PHE A 83 15.95 38.75 32.62
CA PHE A 83 15.68 40.17 32.39
C PHE A 83 16.82 41.06 32.84
N LYS A 84 16.95 42.21 32.20
CA LYS A 84 18.01 43.17 32.54
C LYS A 84 17.77 43.61 33.97
N GLU A 85 16.57 44.13 34.23
CA GLU A 85 16.20 44.57 35.55
C GLU A 85 15.13 43.61 36.07
N ALA A 86 15.46 42.95 37.17
CA ALA A 86 14.56 41.96 37.79
C ALA A 86 13.18 42.50 38.08
N LYS A 87 12.25 41.58 38.27
CA LYS A 87 10.85 41.89 38.58
C LYS A 87 10.34 40.79 39.51
N ILE A 88 10.89 40.78 40.72
CA ILE A 88 10.54 39.78 41.73
C ILE A 88 9.04 39.59 41.95
N GLU A 89 8.31 40.70 42.07
CA GLU A 89 6.87 40.62 42.30
C GLU A 89 6.21 39.75 41.25
N GLU A 90 6.44 40.09 39.98
CA GLU A 90 5.87 39.32 38.88
C GLU A 90 6.37 37.89 38.94
N HIS A 91 7.66 37.76 39.27
CA HIS A 91 8.29 36.44 39.38
C HIS A 91 7.59 35.60 40.43
N LEU A 92 7.33 36.19 41.60
CA LEU A 92 6.65 35.48 42.67
C LEU A 92 5.25 35.08 42.22
N ALA A 93 4.51 36.06 41.74
CA ALA A 93 3.15 35.85 41.27
C ALA A 93 3.11 34.72 40.25
N ARG A 94 4.01 34.78 39.27
CA ARG A 94 4.07 33.76 38.24
C ARG A 94 4.34 32.38 38.86
N LEU A 95 5.30 32.33 39.78
CA LEU A 95 5.63 31.06 40.43
C LEU A 95 4.40 30.46 41.09
N GLU A 96 3.58 31.32 41.69
CA GLU A 96 2.37 30.89 42.38
C GLU A 96 1.27 30.50 41.42
N ALA A 97 1.03 31.34 40.42
CA ALA A 97 -0.01 31.06 39.44
C ALA A 97 0.23 29.71 38.77
N VAL A 98 1.49 29.39 38.50
CA VAL A 98 1.84 28.13 37.86
C VAL A 98 1.57 26.95 38.78
N THR A 99 2.02 27.07 40.03
CA THR A 99 1.80 26.00 41.01
C THR A 99 0.32 25.69 41.12
N LYS A 100 -0.49 26.74 41.23
CA LYS A 100 -1.93 26.59 41.34
C LYS A 100 -2.52 25.92 40.11
N GLU A 101 -2.13 26.40 38.94
CA GLU A 101 -2.64 25.85 37.70
C GLU A 101 -2.34 24.35 37.63
N ILE A 102 -1.13 23.98 38.05
CA ILE A 102 -0.72 22.58 38.03
C ILE A 102 -1.59 21.76 38.98
N GLU A 103 -1.86 22.32 40.16
CA GLU A 103 -2.70 21.62 41.13
C GLU A 103 -4.14 21.49 40.68
N THR A 104 -4.68 22.54 40.06
CA THR A 104 -6.05 22.53 39.61
C THR A 104 -6.26 21.88 38.25
N THR A 105 -5.22 21.84 37.42
CA THR A 105 -5.38 21.26 36.09
C THR A 105 -4.47 20.06 35.81
N GLY A 106 -3.44 19.89 36.63
CA GLY A 106 -2.53 18.78 36.43
C GLY A 106 -1.54 19.08 35.33
N THR A 107 -1.38 20.36 35.02
CA THR A 107 -0.47 20.81 33.98
C THR A 107 -0.51 22.33 33.99
N TYR A 108 0.04 22.97 32.97
CA TYR A 108 -0.02 24.43 32.91
C TYR A 108 0.26 24.98 31.52
N GLN A 109 -0.06 26.26 31.35
CA GLN A 109 0.13 26.95 30.08
C GLN A 109 1.21 28.01 30.18
N LEU A 110 2.00 28.15 29.13
CA LEU A 110 3.06 29.16 29.11
C LEU A 110 2.51 30.45 28.53
N THR A 111 3.06 31.57 28.96
CA THR A 111 2.64 32.85 28.41
C THR A 111 3.37 32.93 27.08
N LEU A 112 2.84 33.69 26.13
CA LEU A 112 3.48 33.81 24.83
C LEU A 112 4.96 34.19 24.97
N ASP A 113 5.24 35.16 25.85
CA ASP A 113 6.62 35.59 26.04
C ASP A 113 7.47 34.42 26.54
N GLU A 114 6.91 33.63 27.45
CA GLU A 114 7.61 32.47 27.98
C GLU A 114 7.90 31.51 26.83
N LEU A 115 6.91 31.33 25.97
CA LEU A 115 7.04 30.43 24.84
C LEU A 115 8.14 30.92 23.92
N ILE A 116 8.12 32.21 23.62
CA ILE A 116 9.15 32.78 22.76
C ILE A 116 10.51 32.54 23.41
N PHE A 117 10.62 32.86 24.70
CA PHE A 117 11.87 32.67 25.43
C PHE A 117 12.37 31.24 25.32
N ALA A 118 11.45 30.29 25.47
CA ALA A 118 11.78 28.88 25.41
C ALA A 118 12.25 28.40 24.04
N THR A 119 11.62 28.86 22.97
CA THR A 119 12.02 28.42 21.64
C THR A 119 13.42 28.90 21.30
N LYS A 120 13.76 30.11 21.78
CA LYS A 120 15.09 30.64 21.53
C LYS A 120 16.15 29.91 22.33
N MET A 121 15.88 29.68 23.62
CA MET A 121 16.82 28.95 24.47
C MET A 121 17.03 27.54 23.94
N ALA A 122 15.93 26.89 23.52
CA ALA A 122 16.05 25.54 22.99
C ALA A 122 16.97 25.57 21.77
N TRP A 123 16.78 26.55 20.91
CA TRP A 123 17.62 26.70 19.73
C TRP A 123 19.05 26.89 20.22
N ARG A 124 19.19 27.82 21.15
CA ARG A 124 20.48 28.13 21.75
C ARG A 124 21.14 26.90 22.36
N ASN A 125 20.32 25.95 22.83
CA ASN A 125 20.81 24.72 23.44
C ASN A 125 20.95 23.55 22.47
N ALA A 126 20.82 23.80 21.17
CA ALA A 126 20.95 22.73 20.19
C ALA A 126 22.43 22.51 19.88
N PRO A 127 23.01 21.40 20.39
CA PRO A 127 24.41 21.05 20.18
C PRO A 127 24.84 20.88 18.74
N ARG A 128 23.92 20.39 17.92
CA ARG A 128 24.19 20.13 16.52
C ARG A 128 23.91 21.26 15.54
N CYS A 129 23.52 22.43 16.07
CA CYS A 129 23.24 23.58 15.22
C CYS A 129 24.40 24.56 15.14
N ILE A 130 24.89 24.81 13.92
CA ILE A 130 26.01 25.71 13.70
C ILE A 130 25.61 27.17 13.49
N GLY A 131 24.32 27.44 13.30
CA GLY A 131 23.87 28.79 13.07
C GLY A 131 23.32 29.48 14.30
N ARG A 132 23.69 28.97 15.48
CA ARG A 132 23.20 29.53 16.74
C ARG A 132 23.53 30.97 17.09
N ILE A 133 24.38 31.63 16.30
CA ILE A 133 24.67 33.02 16.62
C ILE A 133 23.40 33.83 16.32
N GLN A 134 22.49 33.22 15.56
CA GLN A 134 21.21 33.84 15.19
C GLN A 134 20.08 33.52 16.18
N TRP A 135 20.38 32.74 17.22
CA TRP A 135 19.39 32.30 18.20
C TRP A 135 18.32 33.27 18.71
N SER A 136 18.69 34.53 18.90
CA SER A 136 17.71 35.49 19.40
C SER A 136 16.84 36.07 18.27
N ASN A 137 17.17 35.76 17.03
CA ASN A 137 16.42 36.25 15.88
C ASN A 137 15.47 35.14 15.38
N LEU A 138 14.31 35.02 16.00
CA LEU A 138 13.35 33.98 15.64
C LEU A 138 11.88 34.38 15.69
N GLN A 139 11.18 34.22 14.57
CA GLN A 139 9.76 34.53 14.51
C GLN A 139 9.00 33.35 15.12
N VAL A 140 8.14 33.63 16.08
CA VAL A 140 7.37 32.57 16.70
C VAL A 140 5.88 32.65 16.36
N PHE A 141 5.36 31.56 15.83
CA PHE A 141 3.95 31.47 15.48
C PHE A 141 3.24 30.61 16.52
N ASP A 142 2.37 31.24 17.30
CA ASP A 142 1.63 30.53 18.34
C ASP A 142 0.37 29.83 17.85
N ALA A 143 0.45 28.52 17.64
CA ALA A 143 -0.69 27.74 17.19
C ALA A 143 -1.14 26.73 18.25
N ARG A 144 -0.95 27.07 19.53
CA ARG A 144 -1.34 26.16 20.60
C ARG A 144 -2.86 26.04 20.71
N ASN A 145 -3.56 26.76 19.85
CA ASN A 145 -5.02 26.77 19.81
C ASN A 145 -5.54 25.88 18.71
N CYS A 146 -4.63 25.33 17.91
CA CYS A 146 -5.00 24.47 16.80
C CYS A 146 -5.79 23.28 17.31
N SER A 147 -6.58 22.64 16.44
CA SER A 147 -7.37 21.49 16.86
C SER A 147 -7.67 20.50 15.74
N THR A 148 -7.50 20.91 14.50
CA THR A 148 -7.77 20.04 13.36
C THR A 148 -6.60 19.97 12.40
N ALA A 149 -6.53 18.89 11.63
CA ALA A 149 -5.46 18.73 10.65
C ALA A 149 -5.46 19.90 9.69
N GLN A 150 -6.65 20.27 9.22
CA GLN A 150 -6.82 21.37 8.28
C GLN A 150 -6.22 22.66 8.83
N GLU A 151 -6.41 22.89 10.13
CA GLU A 151 -5.87 24.10 10.75
C GLU A 151 -4.34 24.04 10.79
N MET A 152 -3.80 22.85 11.06
CA MET A 152 -2.36 22.65 11.09
C MET A 152 -1.80 23.08 9.75
N PHE A 153 -2.38 22.51 8.70
CA PHE A 153 -1.99 22.77 7.32
C PHE A 153 -1.97 24.25 6.97
N GLN A 154 -2.97 25.00 7.45
CA GLN A 154 -3.02 26.42 7.18
C GLN A 154 -1.89 27.13 7.89
N HIS A 155 -1.60 26.71 9.12
CA HIS A 155 -0.51 27.28 9.92
C HIS A 155 0.83 27.00 9.25
N ILE A 156 0.97 25.77 8.77
CA ILE A 156 2.20 25.37 8.11
C ILE A 156 2.43 26.15 6.83
N CYS A 157 1.36 26.42 6.10
CA CYS A 157 1.46 27.19 4.86
C CYS A 157 1.86 28.64 5.19
N ARG A 158 1.30 29.17 6.26
CA ARG A 158 1.62 30.54 6.66
C ARG A 158 3.10 30.63 7.07
N HIS A 159 3.58 29.55 7.67
CA HIS A 159 4.97 29.47 8.12
C HIS A 159 5.89 29.47 6.89
N ILE A 160 5.63 28.55 5.98
CA ILE A 160 6.42 28.44 4.76
C ILE A 160 6.49 29.78 4.03
N LEU A 161 5.34 30.42 3.85
CA LEU A 161 5.26 31.70 3.16
C LEU A 161 6.06 32.78 3.90
N TYR A 162 5.89 32.88 5.21
CA TYR A 162 6.63 33.87 5.99
C TYR A 162 8.14 33.66 5.92
N ALA A 163 8.55 32.41 6.15
CA ALA A 163 9.96 32.03 6.17
C ALA A 163 10.65 32.19 4.82
N THR A 164 9.97 31.77 3.77
CA THR A 164 10.52 31.86 2.42
C THR A 164 10.74 33.32 2.03
N ASN A 165 9.75 34.15 2.30
CA ASN A 165 9.84 35.58 2.03
C ASN A 165 10.45 35.89 0.66
N ASN A 166 10.07 35.09 -0.34
CA ASN A 166 10.54 35.27 -1.70
C ASN A 166 12.07 35.28 -1.86
N GLY A 167 12.75 34.40 -1.10
CA GLY A 167 14.20 34.33 -1.19
C GLY A 167 14.93 34.94 -0.01
N ASN A 168 14.35 35.96 0.61
CA ASN A 168 14.99 36.56 1.76
C ASN A 168 14.54 35.78 2.99
N ILE A 169 15.11 34.59 3.15
CA ILE A 169 14.76 33.67 4.23
C ILE A 169 14.80 34.24 5.64
N ARG A 170 13.77 33.89 6.41
CA ARG A 170 13.64 34.33 7.79
C ARG A 170 13.42 33.11 8.67
N SER A 171 14.09 33.08 9.82
CA SER A 171 13.97 31.96 10.75
C SER A 171 12.64 32.04 11.48
N ALA A 172 11.95 30.90 11.58
CA ALA A 172 10.66 30.87 12.26
C ALA A 172 10.35 29.50 12.84
N ILE A 173 9.40 29.48 13.77
CA ILE A 173 8.95 28.26 14.39
C ILE A 173 7.46 28.36 14.66
N THR A 174 6.75 27.26 14.48
CA THR A 174 5.33 27.22 14.74
C THR A 174 5.07 26.19 15.84
N VAL A 175 4.50 26.64 16.94
CA VAL A 175 4.23 25.76 18.07
C VAL A 175 2.77 25.33 18.15
N PHE A 176 2.52 24.04 17.96
CA PHE A 176 1.18 23.51 18.05
C PHE A 176 0.88 23.11 19.51
N PRO A 177 -0.33 22.58 19.78
CA PRO A 177 -0.66 22.20 21.15
C PRO A 177 0.32 21.27 21.85
N GLN A 178 0.54 21.53 23.14
CA GLN A 178 1.45 20.71 23.93
C GLN A 178 0.78 19.39 24.24
N ARG A 179 1.59 18.34 24.37
CA ARG A 179 1.10 17.01 24.69
C ARG A 179 0.30 17.03 26.00
N SER A 180 -0.90 16.46 25.96
CA SER A 180 -1.75 16.43 27.15
C SER A 180 -1.57 15.13 27.91
N ASP A 181 -2.24 14.07 27.46
CA ASP A 181 -2.11 12.77 28.10
C ASP A 181 -1.26 11.86 27.23
N GLY A 182 -0.76 12.41 26.14
CA GLY A 182 0.06 11.63 25.24
C GLY A 182 -0.79 10.83 24.27
N LYS A 183 -2.10 10.93 24.42
CA LYS A 183 -3.01 10.22 23.55
C LYS A 183 -3.59 11.15 22.50
N HIS A 184 -3.28 12.43 22.60
CA HIS A 184 -3.78 13.43 21.65
C HIS A 184 -2.65 14.31 21.13
N ASP A 185 -1.58 13.68 20.66
CA ASP A 185 -0.43 14.40 20.15
C ASP A 185 -0.60 14.96 18.75
N PHE A 186 -0.17 16.20 18.57
CA PHE A 186 -0.19 16.80 17.25
C PHE A 186 1.19 16.38 16.73
N ARG A 187 1.24 15.79 15.54
CA ARG A 187 2.50 15.36 14.99
C ARG A 187 2.58 15.61 13.48
N LEU A 188 3.75 15.99 12.99
CA LEU A 188 3.97 16.16 11.56
C LEU A 188 4.76 14.89 11.26
N TRP A 189 4.21 14.05 10.41
CA TRP A 189 4.87 12.80 10.08
C TRP A 189 6.08 13.00 9.19
N ASN A 190 6.17 14.17 8.57
CA ASN A 190 7.32 14.50 7.71
C ASN A 190 8.56 14.75 8.57
N SER A 191 9.73 14.55 7.97
CA SER A 191 10.99 14.80 8.68
C SER A 191 11.26 16.29 8.57
N GLN A 192 11.00 16.85 7.38
CA GLN A 192 11.18 18.27 7.09
C GLN A 192 9.93 18.74 6.33
N LEU A 193 9.65 20.03 6.37
CA LEU A 193 8.48 20.53 5.67
C LEU A 193 8.57 20.30 4.17
N ILE A 194 9.69 20.71 3.56
CA ILE A 194 9.89 20.53 2.13
C ILE A 194 10.89 19.41 1.90
N ARG A 195 10.52 18.46 1.06
CA ARG A 195 11.37 17.32 0.78
C ARG A 195 10.89 16.68 -0.53
N TYR A 196 11.81 16.15 -1.32
CA TYR A 196 11.46 15.54 -2.60
C TYR A 196 11.14 14.06 -2.50
N ALA A 197 10.18 13.63 -3.30
CA ALA A 197 9.76 12.24 -3.32
C ALA A 197 10.83 11.35 -3.92
N GLY A 198 10.71 10.05 -3.63
CA GLY A 198 11.64 9.07 -4.15
C GLY A 198 10.83 7.88 -4.63
N TYR A 199 11.00 7.50 -5.89
CA TYR A 199 10.25 6.37 -6.43
C TYR A 199 11.11 5.26 -6.98
N GLN A 200 10.67 4.02 -6.74
CA GLN A 200 11.38 2.87 -7.28
C GLN A 200 10.67 2.62 -8.62
N MET A 201 11.36 2.88 -9.72
CA MET A 201 10.78 2.71 -11.04
C MET A 201 10.63 1.25 -11.46
N PRO A 202 9.85 1.01 -12.52
CA PRO A 202 9.60 -0.33 -13.06
C PRO A 202 10.89 -1.02 -13.50
N ASP A 203 11.76 -0.27 -14.17
CA ASP A 203 13.02 -0.81 -14.67
C ASP A 203 14.04 -1.11 -13.56
N GLY A 204 13.64 -0.89 -12.31
CA GLY A 204 14.55 -1.17 -11.19
C GLY A 204 15.31 0.03 -10.64
N THR A 205 15.53 1.05 -11.48
CA THR A 205 16.25 2.22 -11.03
C THR A 205 15.42 2.99 -9.99
N ILE A 206 16.03 3.99 -9.38
CA ILE A 206 15.34 4.81 -8.39
C ILE A 206 15.27 6.23 -8.95
N ARG A 207 14.11 6.87 -8.85
CA ARG A 207 13.97 8.23 -9.34
C ARG A 207 13.68 9.17 -8.18
N GLY A 208 14.32 10.33 -8.21
CA GLY A 208 14.13 11.30 -7.14
C GLY A 208 15.10 11.05 -6.00
N ASP A 209 14.64 11.31 -4.78
CA ASP A 209 15.48 11.13 -3.60
C ASP A 209 15.28 9.77 -2.93
N ALA A 210 16.21 8.86 -3.17
CA ALA A 210 16.11 7.52 -2.59
C ALA A 210 15.92 7.54 -1.08
N ALA A 211 16.31 8.63 -0.44
CA ALA A 211 16.18 8.75 1.00
C ALA A 211 14.74 8.73 1.46
N THR A 212 13.82 9.16 0.60
CA THR A 212 12.41 9.18 0.97
C THR A 212 11.57 8.06 0.36
N LEU A 213 12.20 6.95 0.00
CA LEU A 213 11.47 5.83 -0.60
C LEU A 213 10.31 5.31 0.25
N GLU A 214 10.58 4.96 1.49
CA GLU A 214 9.53 4.45 2.36
C GLU A 214 8.45 5.47 2.60
N PHE A 215 8.86 6.67 3.04
CA PHE A 215 7.91 7.73 3.33
C PHE A 215 7.08 8.05 2.10
N THR A 216 7.70 8.02 0.92
CA THR A 216 6.99 8.31 -0.31
C THR A 216 5.88 7.28 -0.48
N GLN A 217 6.23 6.02 -0.28
CA GLN A 217 5.26 4.94 -0.40
C GLN A 217 4.12 5.15 0.59
N LEU A 218 4.45 5.57 1.81
CA LEU A 218 3.44 5.80 2.83
C LEU A 218 2.44 6.86 2.40
N CYS A 219 2.92 7.91 1.74
CA CYS A 219 2.05 8.96 1.26
C CYS A 219 1.14 8.35 0.20
N ILE A 220 1.74 7.57 -0.69
CA ILE A 220 1.00 6.92 -1.76
C ILE A 220 -0.09 6.04 -1.15
N ASP A 221 0.27 5.33 -0.07
CA ASP A 221 -0.68 4.46 0.59
C ASP A 221 -1.80 5.27 1.23
N LEU A 222 -1.55 6.54 1.52
CA LEU A 222 -2.56 7.38 2.15
C LEU A 222 -3.38 8.17 1.14
N GLY A 223 -3.23 7.84 -0.13
CA GLY A 223 -4.00 8.53 -1.14
C GLY A 223 -3.30 9.64 -1.91
N TRP A 224 -1.99 9.77 -1.75
CA TRP A 224 -1.27 10.80 -2.47
C TRP A 224 -0.95 10.26 -3.85
N LYS A 225 -1.04 11.11 -4.86
CA LYS A 225 -0.75 10.68 -6.23
C LYS A 225 0.71 10.90 -6.61
N PRO A 226 1.43 9.82 -6.91
CA PRO A 226 2.85 9.88 -7.30
C PRO A 226 2.98 10.50 -8.68
N ARG A 227 3.83 11.52 -8.80
CA ARG A 227 4.02 12.21 -10.07
C ARG A 227 5.24 11.69 -10.81
N TYR A 228 5.96 10.78 -10.18
CA TYR A 228 7.16 10.16 -10.75
C TYR A 228 8.21 11.08 -11.34
N GLY A 229 8.42 12.22 -10.71
CA GLY A 229 9.43 13.16 -11.19
C GLY A 229 10.68 13.03 -10.33
N ARG A 230 11.73 13.77 -10.70
CA ARG A 230 12.98 13.72 -9.95
C ARG A 230 12.92 14.66 -8.74
N PHE A 231 12.06 15.67 -8.83
CA PHE A 231 11.92 16.64 -7.76
C PHE A 231 10.46 16.93 -7.39
N ASP A 232 9.74 15.88 -7.01
CA ASP A 232 8.34 16.03 -6.62
C ASP A 232 8.28 16.33 -5.14
N VAL A 233 7.82 17.51 -4.79
CA VAL A 233 7.69 17.89 -3.40
C VAL A 233 6.65 17.00 -2.74
N LEU A 234 7.08 16.22 -1.75
CA LEU A 234 6.18 15.33 -1.03
C LEU A 234 5.10 16.13 -0.31
N PRO A 235 4.00 15.47 0.09
CA PRO A 235 2.92 16.16 0.79
C PRO A 235 3.11 16.17 2.29
N LEU A 236 2.40 17.06 2.96
CA LEU A 236 2.44 17.15 4.40
C LEU A 236 1.49 16.07 4.92
N VAL A 237 1.97 15.29 5.88
CA VAL A 237 1.18 14.23 6.49
C VAL A 237 0.95 14.75 7.89
N LEU A 238 -0.27 15.17 8.18
CA LEU A 238 -0.56 15.74 9.49
C LEU A 238 -1.45 14.93 10.42
N GLN A 239 -1.06 14.93 11.68
CA GLN A 239 -1.75 14.24 12.74
C GLN A 239 -2.10 15.27 13.80
N ALA A 240 -3.39 15.47 14.03
CA ALA A 240 -3.84 16.44 15.03
C ALA A 240 -4.66 15.76 16.12
N ASP A 241 -4.57 16.31 17.33
CA ASP A 241 -5.30 15.78 18.48
C ASP A 241 -5.24 14.27 18.57
N GLY A 242 -4.13 13.70 18.13
CA GLY A 242 -3.96 12.26 18.21
C GLY A 242 -4.69 11.40 17.20
N GLN A 243 -5.38 12.03 16.25
CA GLN A 243 -6.11 11.27 15.25
C GLN A 243 -5.23 10.84 14.10
N ASP A 244 -5.72 9.88 13.32
CA ASP A 244 -4.97 9.37 12.18
C ASP A 244 -4.52 10.52 11.29
N PRO A 245 -3.34 10.39 10.69
CA PRO A 245 -2.79 11.45 9.81
C PRO A 245 -3.56 11.65 8.50
N GLU A 246 -3.67 12.92 8.09
CA GLU A 246 -4.34 13.28 6.85
C GLU A 246 -3.29 13.88 5.94
N VAL A 247 -3.41 13.61 4.64
CA VAL A 247 -2.47 14.10 3.65
C VAL A 247 -2.89 15.47 3.08
N PHE A 248 -1.90 16.30 2.76
CA PHE A 248 -2.15 17.64 2.21
C PHE A 248 -1.04 18.04 1.26
N GLU A 249 -1.35 18.29 0.00
CA GLU A 249 -0.32 18.71 -0.94
C GLU A 249 0.03 20.15 -0.62
N ILE A 250 1.30 20.50 -0.75
CA ILE A 250 1.73 21.86 -0.46
C ILE A 250 1.49 22.70 -1.71
N PRO A 251 0.86 23.87 -1.55
CA PRO A 251 0.61 24.72 -2.72
C PRO A 251 1.94 25.05 -3.40
N PRO A 252 2.14 24.56 -4.63
CA PRO A 252 3.38 24.80 -5.40
C PRO A 252 3.91 26.22 -5.36
N ASP A 253 3.01 27.20 -5.29
CA ASP A 253 3.45 28.60 -5.25
C ASP A 253 4.28 28.87 -4.00
N LEU A 254 4.00 28.12 -2.92
CA LEU A 254 4.71 28.31 -1.66
C LEU A 254 6.12 27.74 -1.61
N VAL A 255 6.42 26.81 -2.51
CA VAL A 255 7.73 26.18 -2.55
C VAL A 255 8.70 26.86 -3.51
N LEU A 256 9.62 27.65 -2.95
CA LEU A 256 10.62 28.34 -3.77
C LEU A 256 11.76 27.38 -4.06
N GLU A 257 12.23 27.36 -5.30
CA GLU A 257 13.32 26.48 -5.69
C GLU A 257 14.41 27.23 -6.43
N VAL A 258 15.62 26.68 -6.43
CA VAL A 258 16.75 27.30 -7.11
C VAL A 258 17.28 26.35 -8.18
N THR A 259 17.43 26.85 -9.40
CA THR A 259 17.95 26.04 -10.49
C THR A 259 19.48 26.09 -10.41
N MET A 260 20.11 24.93 -10.41
CA MET A 260 21.56 24.86 -10.30
C MET A 260 22.34 25.21 -11.58
N GLU A 261 23.19 26.22 -11.45
CA GLU A 261 24.04 26.70 -12.54
C GLU A 261 25.46 26.95 -12.06
N HIS A 262 26.44 26.56 -12.88
CA HIS A 262 27.84 26.80 -12.53
C HIS A 262 28.26 28.11 -13.19
N PRO A 263 29.12 28.89 -12.54
CA PRO A 263 29.56 30.17 -13.14
C PRO A 263 30.51 30.08 -14.32
N LYS A 264 30.91 28.87 -14.71
CA LYS A 264 31.83 28.69 -15.83
C LYS A 264 31.47 27.50 -16.70
N TYR A 265 31.06 26.41 -16.06
CA TYR A 265 30.67 25.20 -16.79
C TYR A 265 29.23 25.32 -17.26
N GLU A 266 29.05 25.69 -18.52
CA GLU A 266 27.70 25.83 -19.06
C GLU A 266 26.93 24.51 -19.09
N TRP A 267 27.67 23.40 -19.10
CA TRP A 267 27.05 22.08 -19.12
C TRP A 267 26.47 21.69 -17.76
N PHE A 268 26.61 22.54 -16.76
CA PHE A 268 26.10 22.19 -15.43
C PHE A 268 24.57 22.20 -15.40
N GLN A 269 23.96 23.19 -16.03
CA GLN A 269 22.51 23.26 -16.07
C GLN A 269 21.95 22.07 -16.84
N GLU A 270 22.77 21.47 -17.69
CA GLU A 270 22.36 20.31 -18.46
C GLU A 270 22.09 19.14 -17.53
N LEU A 271 22.54 19.28 -16.29
CA LEU A 271 22.35 18.25 -15.29
C LEU A 271 20.90 18.28 -14.80
N GLY A 272 20.20 19.37 -15.14
CA GLY A 272 18.82 19.52 -14.74
C GLY A 272 18.56 19.38 -13.26
N LEU A 273 19.39 20.03 -12.45
CA LEU A 273 19.24 19.96 -11.00
C LEU A 273 18.68 21.24 -10.40
N LYS A 274 18.04 21.09 -9.25
CA LYS A 274 17.49 22.21 -8.50
C LYS A 274 17.32 21.74 -7.07
N TRP A 275 16.91 22.65 -6.18
CA TRP A 275 16.68 22.29 -4.79
C TRP A 275 15.82 23.34 -4.12
N TYR A 276 15.07 22.95 -3.10
CA TYR A 276 14.23 23.90 -2.40
C TYR A 276 15.08 24.85 -1.58
N ALA A 277 14.54 26.04 -1.31
CA ALA A 277 15.26 27.04 -0.56
C ALA A 277 15.01 26.99 0.94
N LEU A 278 13.94 26.32 1.35
CA LEU A 278 13.58 26.28 2.77
C LEU A 278 13.99 25.04 3.54
N PRO A 279 14.93 25.21 4.50
CA PRO A 279 15.42 24.12 5.34
C PRO A 279 14.58 24.13 6.62
N ALA A 280 13.57 23.29 6.68
CA ALA A 280 12.70 23.25 7.85
C ALA A 280 12.59 21.88 8.49
N VAL A 281 12.98 21.82 9.77
CA VAL A 281 12.93 20.59 10.55
C VAL A 281 11.48 20.46 10.98
N ALA A 282 10.85 19.33 10.67
CA ALA A 282 9.44 19.16 10.98
C ALA A 282 9.04 18.17 12.06
N ASN A 283 9.94 17.27 12.43
CA ASN A 283 9.62 16.22 13.39
C ASN A 283 10.17 16.27 14.82
N MET A 284 10.71 17.40 15.25
CA MET A 284 11.26 17.41 16.60
C MET A 284 10.31 17.90 17.70
N LEU A 285 10.64 17.55 18.92
CA LEU A 285 9.84 17.91 20.07
C LEU A 285 10.52 18.96 20.94
N LEU A 286 9.78 20.00 21.30
CA LEU A 286 10.29 21.05 22.15
C LEU A 286 9.91 20.77 23.61
N GLU A 287 10.94 20.60 24.44
CA GLU A 287 10.77 20.32 25.87
C GLU A 287 11.06 21.62 26.62
N VAL A 288 10.15 22.01 27.50
CA VAL A 288 10.34 23.23 28.28
C VAL A 288 9.55 23.19 29.57
N GLY A 289 10.26 23.45 30.68
CA GLY A 289 9.66 23.46 31.99
C GLY A 289 8.72 22.30 32.29
N GLY A 290 9.03 21.11 31.79
CA GLY A 290 8.18 19.97 32.04
C GLY A 290 7.16 19.69 30.95
N LEU A 291 6.92 20.70 30.12
CA LEU A 291 5.97 20.55 29.03
C LEU A 291 6.67 19.98 27.80
N GLU A 292 5.88 19.34 26.94
CA GLU A 292 6.41 18.75 25.73
C GLU A 292 5.53 19.10 24.54
N PHE A 293 6.13 19.71 23.52
CA PHE A 293 5.42 20.08 22.31
C PHE A 293 5.87 19.16 21.19
N PRO A 294 5.12 18.07 20.96
CA PRO A 294 5.39 17.05 19.93
C PRO A 294 5.39 17.57 18.50
N ALA A 295 4.83 18.76 18.29
CA ALA A 295 4.79 19.33 16.95
C ALA A 295 5.16 20.80 16.97
N CYS A 296 6.26 21.13 16.31
CA CYS A 296 6.73 22.51 16.25
C CYS A 296 7.82 22.63 15.19
N PRO A 297 7.42 22.73 13.91
CA PRO A 297 8.43 22.85 12.86
C PRO A 297 9.18 24.17 12.99
N PHE A 298 10.44 24.17 12.57
CA PHE A 298 11.23 25.39 12.63
C PHE A 298 12.25 25.39 11.51
N ASN A 299 12.72 26.58 11.17
CA ASN A 299 13.68 26.71 10.09
C ASN A 299 14.59 27.92 10.24
N GLY A 300 15.68 27.86 9.48
CA GLY A 300 16.65 28.94 9.44
C GLY A 300 16.88 28.98 7.94
N TRP A 301 18.13 29.13 7.51
CA TRP A 301 18.46 29.14 6.09
C TRP A 301 19.57 28.15 5.83
N TYR A 302 19.64 27.68 4.60
CA TYR A 302 20.63 26.69 4.21
C TYR A 302 22.12 27.06 4.30
N MET A 303 22.94 26.02 4.49
CA MET A 303 24.39 26.18 4.48
C MET A 303 24.69 25.37 3.22
N GLY A 304 25.36 25.99 2.25
CA GLY A 304 25.67 25.35 0.99
C GLY A 304 26.02 23.87 0.95
N THR A 305 26.88 23.42 1.86
CA THR A 305 27.32 22.03 1.90
C THR A 305 26.22 20.98 2.06
N GLU A 306 25.12 21.35 2.70
CA GLU A 306 24.03 20.41 2.89
C GLU A 306 23.53 19.93 1.52
N ILE A 307 23.37 20.88 0.60
CA ILE A 307 22.89 20.58 -0.73
C ILE A 307 24.01 20.10 -1.64
N GLY A 308 25.06 20.91 -1.75
CA GLY A 308 26.17 20.55 -2.60
C GLY A 308 26.87 19.25 -2.25
N VAL A 309 26.95 18.93 -0.97
CA VAL A 309 27.65 17.73 -0.57
C VAL A 309 26.80 16.56 -0.13
N ARG A 310 25.87 16.79 0.80
CA ARG A 310 25.06 15.70 1.28
C ARG A 310 23.96 15.30 0.29
N ASP A 311 23.14 16.25 -0.12
CA ASP A 311 22.06 15.96 -1.05
C ASP A 311 22.53 15.50 -2.43
N PHE A 312 23.48 16.24 -3.01
CA PHE A 312 23.99 15.91 -4.34
C PHE A 312 25.11 14.89 -4.41
N CYS A 313 25.89 14.73 -3.34
CA CYS A 313 27.01 13.79 -3.41
C CYS A 313 26.96 12.52 -2.57
N ASP A 314 26.09 12.44 -1.57
CA ASP A 314 25.97 11.19 -0.82
C ASP A 314 25.60 10.12 -1.86
N THR A 315 26.24 8.96 -1.79
CA THR A 315 25.92 7.92 -2.76
C THR A 315 24.49 7.42 -2.66
N GLN A 316 23.92 7.47 -1.45
CA GLN A 316 22.55 7.02 -1.25
C GLN A 316 21.51 8.12 -1.45
N ARG A 317 21.95 9.25 -1.99
CA ARG A 317 21.04 10.35 -2.26
C ARG A 317 21.05 10.58 -3.78
N TYR A 318 21.16 11.82 -4.23
CA TYR A 318 21.16 12.07 -5.67
C TYR A 318 22.42 11.57 -6.37
N ASN A 319 23.48 11.34 -5.60
CA ASN A 319 24.73 10.78 -6.12
C ASN A 319 25.21 11.26 -7.51
N ILE A 320 25.49 12.55 -7.64
CA ILE A 320 25.94 13.09 -8.93
C ILE A 320 27.46 13.24 -9.11
N LEU A 321 28.23 12.87 -8.08
CA LEU A 321 29.69 13.05 -8.13
C LEU A 321 30.43 12.51 -9.36
N GLU A 322 30.21 11.26 -9.73
CA GLU A 322 30.89 10.68 -10.88
C GLU A 322 30.56 11.45 -12.17
N GLU A 323 29.28 11.75 -12.35
CA GLU A 323 28.81 12.48 -13.51
C GLU A 323 29.58 13.79 -13.65
N VAL A 324 29.61 14.59 -12.58
CA VAL A 324 30.32 15.85 -12.61
C VAL A 324 31.81 15.60 -12.88
N GLY A 325 32.31 14.49 -12.37
CA GLY A 325 33.70 14.15 -12.59
C GLY A 325 34.04 14.08 -14.06
N ARG A 326 33.32 13.20 -14.77
CA ARG A 326 33.53 12.99 -16.20
C ARG A 326 33.42 14.27 -17.01
N ARG A 327 32.35 15.03 -16.77
CA ARG A 327 32.13 16.27 -17.49
C ARG A 327 33.24 17.28 -17.26
N MET A 328 34.10 17.01 -16.27
CA MET A 328 35.23 17.90 -15.99
C MET A 328 36.49 17.32 -16.60
N GLY A 329 36.34 16.15 -17.21
CA GLY A 329 37.47 15.48 -17.83
C GLY A 329 38.51 15.01 -16.83
N LEU A 330 38.06 14.58 -15.65
CA LEU A 330 38.97 14.11 -14.60
C LEU A 330 39.16 12.60 -14.68
N GLU A 331 40.21 12.10 -14.03
CA GLU A 331 40.51 10.67 -14.01
C GLU A 331 39.63 10.01 -12.96
N THR A 332 38.33 9.94 -13.25
CA THR A 332 37.38 9.36 -12.33
C THR A 332 37.57 7.87 -12.08
N HIS A 333 38.68 7.33 -12.56
CA HIS A 333 38.96 5.91 -12.38
C HIS A 333 40.15 5.68 -11.45
N THR A 334 40.74 6.77 -10.96
CA THR A 334 41.88 6.69 -10.05
C THR A 334 41.61 7.58 -8.85
N LEU A 335 41.28 6.95 -7.72
CA LEU A 335 40.99 7.70 -6.49
C LEU A 335 42.06 8.71 -6.13
N ALA A 336 43.31 8.26 -6.12
CA ALA A 336 44.43 9.13 -5.77
C ALA A 336 44.52 10.41 -6.60
N SER A 337 43.83 10.46 -7.73
CA SER A 337 43.86 11.66 -8.56
C SER A 337 43.12 12.79 -7.87
N LEU A 338 42.43 12.45 -6.79
CA LEU A 338 41.66 13.41 -6.00
C LEU A 338 40.59 14.10 -6.85
N TRP A 339 40.01 13.37 -7.80
CA TRP A 339 38.97 13.96 -8.65
C TRP A 339 37.72 14.27 -7.84
N LYS A 340 37.41 13.43 -6.86
CA LYS A 340 36.24 13.67 -6.03
C LYS A 340 36.36 14.99 -5.30
N ASP A 341 37.57 15.35 -4.88
CA ASP A 341 37.78 16.61 -4.17
C ASP A 341 37.53 17.77 -5.12
N ARG A 342 37.95 17.60 -6.38
CA ARG A 342 37.75 18.65 -7.37
C ARG A 342 36.29 18.74 -7.81
N ALA A 343 35.65 17.59 -7.97
CA ALA A 343 34.26 17.57 -8.39
C ALA A 343 33.35 18.21 -7.34
N VAL A 344 33.39 17.69 -6.11
CA VAL A 344 32.52 18.24 -5.08
C VAL A 344 32.66 19.74 -4.88
N THR A 345 33.85 20.29 -5.08
CA THR A 345 34.02 21.73 -4.88
C THR A 345 33.29 22.51 -5.96
N GLU A 346 33.37 22.04 -7.20
CA GLU A 346 32.68 22.74 -8.28
C GLU A 346 31.17 22.69 -8.02
N ILE A 347 30.70 21.56 -7.49
CA ILE A 347 29.30 21.42 -7.17
C ILE A 347 28.93 22.43 -6.07
N ASN A 348 29.75 22.53 -5.04
CA ASN A 348 29.50 23.49 -3.96
C ASN A 348 29.49 24.91 -4.50
N VAL A 349 30.35 25.16 -5.49
CA VAL A 349 30.42 26.48 -6.10
C VAL A 349 29.14 26.72 -6.90
N ALA A 350 28.60 25.67 -7.51
CA ALA A 350 27.38 25.79 -8.28
C ALA A 350 26.23 26.21 -7.36
N VAL A 351 26.07 25.47 -6.25
CA VAL A 351 25.02 25.75 -5.29
C VAL A 351 25.03 27.20 -4.81
N LEU A 352 26.17 27.68 -4.35
CA LEU A 352 26.28 29.05 -3.86
C LEU A 352 26.04 30.04 -4.98
N HIS A 353 26.67 29.82 -6.13
CA HIS A 353 26.49 30.71 -7.26
C HIS A 353 25.00 30.82 -7.61
N SER A 354 24.32 29.68 -7.66
CA SER A 354 22.90 29.66 -7.99
C SER A 354 22.00 30.37 -6.98
N PHE A 355 22.13 30.06 -5.69
CA PHE A 355 21.30 30.72 -4.68
C PHE A 355 21.56 32.23 -4.74
N GLN A 356 22.80 32.61 -5.01
CA GLN A 356 23.14 34.02 -5.08
C GLN A 356 22.50 34.70 -6.29
N LYS A 357 22.67 34.10 -7.46
CA LYS A 357 22.11 34.67 -8.68
C LYS A 357 20.60 34.80 -8.57
N GLN A 358 19.94 33.78 -7.99
CA GLN A 358 18.50 33.82 -7.84
C GLN A 358 18.05 34.54 -6.58
N ASN A 359 18.94 35.34 -6.01
CA ASN A 359 18.67 36.11 -4.80
C ASN A 359 18.08 35.36 -3.61
N VAL A 360 18.56 34.14 -3.38
CA VAL A 360 18.06 33.33 -2.29
C VAL A 360 19.11 33.19 -1.19
N THR A 361 18.73 33.49 0.05
CA THR A 361 19.64 33.40 1.17
C THR A 361 20.31 32.04 1.35
N ILE A 362 21.62 32.06 1.49
CA ILE A 362 22.38 30.84 1.70
C ILE A 362 23.73 31.22 2.30
N MET A 363 24.36 30.27 2.99
CA MET A 363 25.64 30.52 3.62
C MET A 363 26.66 29.42 3.32
N ASP A 364 27.89 29.83 3.04
CA ASP A 364 28.95 28.87 2.77
C ASP A 364 29.43 28.34 4.12
N HIS A 365 30.06 27.17 4.13
CA HIS A 365 30.50 26.58 5.39
C HIS A 365 31.64 27.29 6.11
N HIS A 366 32.49 28.00 5.38
CA HIS A 366 33.61 28.71 5.98
C HIS A 366 33.07 29.84 6.84
N THR A 367 32.21 30.66 6.25
CA THR A 367 31.60 31.78 6.94
C THR A 367 30.76 31.30 8.14
N ALA A 368 30.09 30.16 7.97
CA ALA A 368 29.26 29.63 9.05
C ALA A 368 30.10 29.20 10.24
N SER A 369 31.21 28.53 9.95
CA SER A 369 32.11 28.07 11.01
C SER A 369 32.65 29.24 11.82
N GLU A 370 33.08 30.31 11.13
CA GLU A 370 33.62 31.47 11.84
C GLU A 370 32.51 32.07 12.67
N SER A 371 31.31 32.04 12.12
CA SER A 371 30.14 32.58 12.81
C SER A 371 29.93 31.80 14.11
N PHE A 372 30.02 30.49 14.03
CA PHE A 372 29.82 29.70 15.24
C PHE A 372 30.93 29.94 16.27
N MET A 373 32.17 30.08 15.79
CA MET A 373 33.29 30.32 16.70
C MET A 373 33.05 31.59 17.51
N LYS A 374 32.56 32.63 16.85
CA LYS A 374 32.24 33.88 17.52
C LYS A 374 31.13 33.62 18.54
N HIS A 375 30.13 32.86 18.12
CA HIS A 375 29.02 32.55 19.01
C HIS A 375 29.47 31.81 20.25
N MET A 376 30.21 30.73 20.06
CA MET A 376 30.71 29.91 21.15
C MET A 376 31.48 30.79 22.14
N GLN A 377 32.30 31.67 21.60
CA GLN A 377 33.07 32.58 22.44
C GLN A 377 32.12 33.49 23.23
N ASN A 378 31.06 33.98 22.58
CA ASN A 378 30.10 34.84 23.26
C ASN A 378 29.43 34.08 24.38
N GLU A 379 29.02 32.86 24.09
CA GLU A 379 28.34 32.01 25.06
C GLU A 379 29.16 31.72 26.30
N TYR A 380 30.45 31.48 26.14
CA TYR A 380 31.29 31.20 27.29
C TYR A 380 31.41 32.42 28.20
N ARG A 381 31.48 33.61 27.61
CA ARG A 381 31.54 34.81 28.43
C ARG A 381 30.17 34.98 29.09
N ALA A 382 29.12 34.89 28.27
CA ALA A 382 27.74 35.05 28.74
C ALA A 382 27.27 34.02 29.77
N ARG A 383 27.58 32.75 29.58
CA ARG A 383 27.13 31.78 30.56
C ARG A 383 28.04 30.61 30.84
N GLY A 384 29.34 30.77 30.54
CA GLY A 384 30.30 29.73 30.82
C GLY A 384 30.06 28.37 30.19
N GLY A 385 29.68 28.35 28.92
CA GLY A 385 29.46 27.08 28.26
C GLY A 385 28.65 27.21 26.99
N CYS A 386 28.72 26.17 26.16
CA CYS A 386 27.98 26.11 24.92
C CYS A 386 27.96 24.66 24.53
N PRO A 387 26.81 23.99 24.69
CA PRO A 387 26.75 22.59 24.31
C PRO A 387 27.02 22.51 22.81
N ALA A 388 28.00 21.70 22.42
CA ALA A 388 28.36 21.59 21.02
C ALA A 388 28.77 20.18 20.65
N ASP A 389 28.25 19.70 19.52
CA ASP A 389 28.56 18.37 19.03
C ASP A 389 29.52 18.53 17.83
N TRP A 390 30.81 18.39 18.11
CA TRP A 390 31.88 18.52 17.13
C TRP A 390 31.55 17.76 15.85
N ILE A 391 31.11 16.52 16.02
CA ILE A 391 30.79 15.66 14.90
C ILE A 391 29.77 16.25 13.95
N TRP A 392 28.86 17.06 14.46
CA TRP A 392 27.85 17.67 13.60
C TRP A 392 28.24 19.09 13.19
N LEU A 393 29.04 19.75 14.02
CA LEU A 393 29.42 21.12 13.71
C LEU A 393 30.50 21.26 12.64
N VAL A 394 31.33 20.24 12.45
CA VAL A 394 32.36 20.30 11.42
C VAL A 394 31.74 19.97 10.06
N PRO A 395 31.84 20.90 9.10
CA PRO A 395 31.28 20.66 7.77
C PRO A 395 31.73 19.35 7.15
N PRO A 396 30.94 18.79 6.22
CA PRO A 396 31.23 17.53 5.53
C PRO A 396 32.38 17.62 4.52
N VAL A 397 32.92 18.82 4.35
CA VAL A 397 34.09 19.05 3.49
C VAL A 397 34.93 20.14 4.14
N SER A 398 36.23 20.17 3.81
CA SER A 398 37.14 21.19 4.33
C SER A 398 37.24 21.22 5.85
N GLY A 399 37.18 20.04 6.46
CA GLY A 399 37.23 19.92 7.90
C GLY A 399 38.21 20.84 8.62
N SER A 400 39.48 20.48 8.62
CA SER A 400 40.47 21.28 9.32
C SER A 400 40.70 22.66 8.71
N ILE A 401 40.10 22.93 7.55
CA ILE A 401 40.26 24.25 6.94
C ILE A 401 39.35 25.24 7.69
N THR A 402 38.36 24.71 8.41
CA THR A 402 37.45 25.56 9.19
C THR A 402 37.98 25.60 10.63
N PRO A 403 37.75 26.72 11.33
CA PRO A 403 38.22 26.84 12.72
C PRO A 403 37.56 25.92 13.74
N VAL A 404 36.30 25.58 13.50
CA VAL A 404 35.56 24.71 14.41
C VAL A 404 36.26 23.37 14.64
N PHE A 405 36.95 22.89 13.62
CA PHE A 405 37.66 21.62 13.68
C PHE A 405 38.72 21.59 14.78
N HIS A 406 39.40 22.71 14.97
CA HIS A 406 40.45 22.78 15.99
C HIS A 406 39.96 23.18 17.36
N GLN A 407 38.64 23.24 17.53
CA GLN A 407 38.05 23.62 18.81
C GLN A 407 37.52 22.44 19.61
N GLU A 408 38.06 22.21 20.81
CA GLU A 408 37.56 21.13 21.66
C GLU A 408 36.20 21.59 22.15
N MET A 409 35.27 20.65 22.26
CA MET A 409 33.90 20.97 22.71
C MET A 409 33.29 20.01 23.68
N LEU A 410 32.28 20.50 24.39
CA LEU A 410 31.55 19.70 25.38
C LEU A 410 30.10 19.55 24.90
N ASN A 411 29.63 18.31 24.84
CA ASN A 411 28.26 18.05 24.40
C ASN A 411 27.39 17.55 25.55
N TYR A 412 26.36 18.33 25.89
CA TYR A 412 25.44 17.96 26.95
C TYR A 412 24.04 18.47 26.65
N VAL A 413 23.05 17.85 27.30
CA VAL A 413 21.65 18.23 27.11
C VAL A 413 21.09 19.12 28.21
N LEU A 414 20.75 20.36 27.87
CA LEU A 414 20.19 21.30 28.83
C LEU A 414 18.67 21.32 28.63
N SER A 415 18.02 22.36 29.14
CA SER A 415 16.58 22.53 29.00
C SER A 415 16.30 24.02 29.04
N PRO A 416 15.43 24.52 28.14
CA PRO A 416 14.67 23.85 27.08
C PRO A 416 15.56 23.12 26.06
N PHE A 417 14.99 22.18 25.33
CA PHE A 417 15.75 21.40 24.36
C PHE A 417 14.87 20.91 23.21
N TYR A 418 15.50 20.65 22.07
CA TYR A 418 14.78 20.12 20.92
C TYR A 418 15.19 18.67 20.81
N TYR A 419 14.25 17.78 21.10
CA TYR A 419 14.54 16.34 21.06
C TYR A 419 14.06 15.68 19.78
N TYR A 420 14.53 14.46 19.56
CA TYR A 420 14.10 13.67 18.44
C TYR A 420 12.89 12.92 19.02
N GLN A 421 12.15 12.23 18.17
CA GLN A 421 10.99 11.46 18.63
C GLN A 421 10.98 10.14 17.88
N ILE A 422 10.28 9.15 18.40
CA ILE A 422 10.19 7.87 17.71
C ILE A 422 9.36 8.18 16.47
N GLU A 423 9.67 7.54 15.36
CA GLU A 423 8.89 7.77 14.15
C GLU A 423 7.46 7.47 14.55
N PRO A 424 6.53 8.39 14.27
CA PRO A 424 5.11 8.23 14.62
C PRO A 424 4.43 6.95 14.13
N TRP A 425 4.73 6.54 12.91
CA TRP A 425 4.12 5.35 12.32
C TRP A 425 4.52 4.05 13.00
N LYS A 426 5.42 4.13 13.97
CA LYS A 426 5.85 2.92 14.65
C LYS A 426 5.20 2.76 16.00
N THR A 427 4.57 3.83 16.49
CA THR A 427 3.91 3.80 17.79
C THR A 427 2.45 4.23 17.70
N HIS A 428 2.05 4.66 16.51
CA HIS A 428 0.68 5.13 16.32
C HIS A 428 -0.36 4.01 16.39
N ILE A 429 -1.52 4.37 16.92
CA ILE A 429 -2.64 3.43 17.03
C ILE A 429 -3.74 3.98 16.12
N TRP A 430 -3.87 3.38 14.94
CA TRP A 430 -4.86 3.83 13.96
C TRP A 430 -6.30 3.66 14.42
N GLN A 431 -7.13 4.64 14.11
CA GLN A 431 -8.55 4.63 14.45
C GLN A 431 -9.22 3.57 13.59
N ASN A 432 -8.99 3.67 12.29
CA ASN A 432 -9.57 2.73 11.31
C ASN A 432 -8.87 2.90 9.96
N GLN B 12 -48.66 -29.38 -13.71
CA GLN B 12 -47.69 -28.76 -12.74
C GLN B 12 -46.31 -28.63 -13.38
N TYR B 13 -46.23 -27.98 -14.54
CA TYR B 13 -44.97 -27.83 -15.24
C TYR B 13 -44.96 -26.54 -16.04
N VAL B 14 -43.77 -25.99 -16.27
CA VAL B 14 -43.66 -24.77 -17.07
C VAL B 14 -43.31 -25.20 -18.48
N ARG B 15 -44.06 -24.68 -19.43
CA ARG B 15 -43.87 -25.01 -20.85
C ARG B 15 -42.72 -24.19 -21.43
N ILE B 16 -41.75 -24.89 -22.03
CA ILE B 16 -40.57 -24.27 -22.63
C ILE B 16 -40.50 -24.59 -24.12
N LYS B 17 -40.22 -23.57 -24.93
CA LYS B 17 -40.16 -23.78 -26.38
C LYS B 17 -38.86 -23.43 -27.09
N ASN B 18 -38.54 -24.22 -28.12
CA ASN B 18 -37.36 -23.98 -28.95
C ASN B 18 -37.88 -23.45 -30.28
N TRP B 19 -37.70 -22.16 -30.52
CA TRP B 19 -38.18 -21.54 -31.73
C TRP B 19 -37.47 -21.92 -33.00
N GLY B 20 -36.50 -22.81 -32.90
CA GLY B 20 -35.79 -23.23 -34.10
C GLY B 20 -36.45 -24.47 -34.65
N SER B 21 -36.85 -25.37 -33.75
CA SER B 21 -37.49 -26.62 -34.14
C SER B 21 -38.93 -26.72 -33.70
N GLY B 22 -39.40 -25.74 -32.94
CA GLY B 22 -40.78 -25.78 -32.47
C GLY B 22 -40.96 -26.82 -31.38
N GLU B 23 -39.88 -27.48 -31.00
CA GLU B 23 -39.94 -28.52 -29.98
C GLU B 23 -40.36 -27.97 -28.62
N ILE B 24 -41.17 -28.74 -27.90
CA ILE B 24 -41.65 -28.33 -26.59
C ILE B 24 -41.12 -29.22 -25.48
N LEU B 25 -40.86 -28.60 -24.34
CA LEU B 25 -40.37 -29.31 -23.17
C LEU B 25 -41.16 -28.83 -21.97
N HIS B 26 -41.30 -29.70 -20.97
CA HIS B 26 -42.04 -29.38 -19.76
C HIS B 26 -41.10 -29.40 -18.58
N ASP B 27 -40.93 -28.26 -17.93
CA ASP B 27 -40.05 -28.20 -16.78
C ASP B 27 -40.84 -28.41 -15.49
N THR B 28 -40.41 -29.41 -14.72
CA THR B 28 -41.03 -29.73 -13.45
C THR B 28 -39.98 -29.60 -12.37
N LEU B 29 -38.72 -29.73 -12.77
CA LEU B 29 -37.59 -29.66 -11.86
C LEU B 29 -37.54 -28.37 -11.05
N HIS B 30 -38.02 -27.27 -11.63
CA HIS B 30 -38.00 -25.99 -10.93
C HIS B 30 -38.73 -26.04 -9.59
N HIS B 31 -39.54 -27.08 -9.39
CA HIS B 31 -40.28 -27.22 -8.14
C HIS B 31 -39.34 -27.57 -7.01
N LYS B 32 -38.21 -28.18 -7.34
CA LYS B 32 -37.21 -28.56 -6.36
C LYS B 32 -36.32 -27.38 -6.00
N ALA B 33 -36.60 -26.23 -6.59
CA ALA B 33 -35.81 -25.02 -6.36
C ALA B 33 -36.01 -24.44 -4.98
N THR B 34 -36.29 -25.29 -4.00
CA THR B 34 -36.52 -24.88 -2.60
C THR B 34 -36.02 -23.48 -2.25
N SER B 35 -34.78 -23.19 -2.64
CA SER B 35 -34.20 -21.88 -2.38
C SER B 35 -34.94 -20.78 -3.13
N ASP B 36 -34.52 -19.53 -2.92
CA ASP B 36 -35.16 -18.41 -3.59
C ASP B 36 -34.32 -17.98 -4.80
N PHE B 37 -34.71 -16.87 -5.44
CA PHE B 37 -33.99 -16.40 -6.61
C PHE B 37 -34.10 -14.89 -6.79
N THR B 38 -33.49 -14.35 -7.83
CA THR B 38 -33.52 -12.92 -8.11
C THR B 38 -34.91 -12.53 -8.59
N CYS B 39 -35.00 -11.43 -9.34
CA CYS B 39 -36.27 -10.95 -9.86
C CYS B 39 -37.30 -10.74 -8.75
N LYS B 40 -38.32 -9.95 -9.06
CA LYS B 40 -39.38 -9.67 -8.11
C LYS B 40 -40.71 -10.19 -8.65
N SER B 41 -41.79 -9.51 -8.31
CA SER B 41 -43.11 -9.89 -8.77
C SER B 41 -43.51 -9.03 -9.96
N LYS B 42 -42.84 -7.89 -10.11
CA LYS B 42 -43.12 -6.95 -11.19
C LYS B 42 -41.85 -6.47 -11.91
N SER B 43 -40.69 -6.96 -11.47
CA SER B 43 -39.43 -6.53 -12.08
C SER B 43 -38.41 -7.65 -12.17
N CYS B 44 -37.93 -7.91 -13.39
CA CYS B 44 -36.92 -8.95 -13.62
C CYS B 44 -35.51 -8.37 -13.61
N LEU B 45 -34.65 -8.95 -12.79
CA LEU B 45 -33.26 -8.52 -12.67
C LEU B 45 -32.38 -9.56 -13.36
N GLY B 46 -32.92 -10.19 -14.38
CA GLY B 46 -32.20 -11.22 -15.11
C GLY B 46 -30.79 -10.92 -15.59
N SER B 47 -30.51 -9.67 -15.98
CA SER B 47 -29.18 -9.34 -16.47
C SER B 47 -28.17 -8.89 -15.40
N ILE B 48 -28.57 -8.86 -14.14
CA ILE B 48 -27.66 -8.48 -13.07
C ILE B 48 -26.62 -9.57 -12.95
N MET B 49 -25.34 -9.20 -12.94
CA MET B 49 -24.28 -10.19 -12.85
C MET B 49 -24.13 -10.85 -11.49
N ASN B 50 -24.15 -10.05 -10.42
CA ASN B 50 -23.98 -10.59 -9.08
C ASN B 50 -25.13 -10.28 -8.11
N PRO B 51 -26.30 -10.90 -8.32
CA PRO B 51 -27.42 -10.64 -7.42
C PRO B 51 -27.17 -11.34 -6.08
N LYS B 52 -27.94 -11.00 -5.06
CA LYS B 52 -27.77 -11.61 -3.75
C LYS B 52 -28.18 -13.08 -3.76
N SER B 53 -29.22 -13.41 -4.50
CA SER B 53 -29.70 -14.79 -4.55
C SER B 53 -28.64 -15.78 -5.01
N LEU B 54 -27.61 -15.29 -5.69
CA LEU B 54 -26.55 -16.17 -6.18
C LEU B 54 -25.30 -16.05 -5.32
N THR B 55 -25.43 -15.33 -4.20
CA THR B 55 -24.31 -15.11 -3.30
C THR B 55 -24.56 -15.73 -1.92
N ARG B 56 -23.56 -16.45 -1.41
CA ARG B 56 -23.66 -17.06 -0.10
C ARG B 56 -22.60 -16.34 0.73
N GLY B 57 -23.06 -15.42 1.57
CA GLY B 57 -22.16 -14.63 2.38
C GLY B 57 -21.52 -15.32 3.57
N PRO B 58 -20.74 -14.57 4.36
CA PRO B 58 -20.06 -15.10 5.54
C PRO B 58 -20.97 -15.34 6.75
N ARG B 59 -20.37 -15.84 7.82
CA ARG B 59 -21.07 -16.10 9.07
C ARG B 59 -20.11 -15.83 10.22
N ASP B 60 -20.62 -15.93 11.45
CA ASP B 60 -19.81 -15.73 12.64
C ASP B 60 -20.34 -16.65 13.73
N LYS B 61 -21.25 -17.52 13.32
CA LYS B 61 -21.86 -18.51 14.21
C LYS B 61 -22.29 -19.65 13.31
N PRO B 62 -22.26 -20.89 13.83
CA PRO B 62 -22.65 -22.05 13.04
C PRO B 62 -24.04 -21.91 12.43
N THR B 63 -24.34 -22.72 11.41
CA THR B 63 -25.63 -22.67 10.78
C THR B 63 -26.66 -23.31 11.70
N PRO B 64 -27.73 -22.58 12.05
CA PRO B 64 -28.79 -23.06 12.93
C PRO B 64 -29.24 -24.48 12.60
N LEU B 65 -29.41 -25.28 13.65
CA LEU B 65 -29.83 -26.67 13.54
C LEU B 65 -31.13 -26.74 12.73
N GLU B 66 -32.06 -25.85 13.05
CA GLU B 66 -33.34 -25.80 12.35
C GLU B 66 -33.15 -25.67 10.85
N GLU B 67 -32.12 -24.94 10.46
CA GLU B 67 -31.81 -24.71 9.05
C GLU B 67 -30.99 -25.85 8.46
N LEU B 68 -29.92 -26.21 9.17
CA LEU B 68 -29.00 -27.27 8.74
C LEU B 68 -29.59 -28.66 8.57
N LEU B 69 -30.21 -29.18 9.62
CA LEU B 69 -30.78 -30.53 9.59
C LEU B 69 -31.70 -30.85 8.41
N PRO B 70 -32.66 -29.96 8.09
CA PRO B 70 -33.56 -30.24 6.96
C PRO B 70 -32.82 -30.34 5.62
N HIS B 71 -31.81 -29.50 5.45
CA HIS B 71 -31.03 -29.53 4.21
C HIS B 71 -30.18 -30.80 4.13
N ALA B 72 -29.63 -31.21 5.26
CA ALA B 72 -28.82 -32.42 5.31
C ALA B 72 -29.65 -33.63 4.89
N ILE B 73 -30.84 -33.76 5.47
CA ILE B 73 -31.72 -34.87 5.16
C ILE B 73 -32.07 -34.89 3.67
N GLU B 74 -32.26 -33.71 3.08
CA GLU B 74 -32.59 -33.63 1.67
C GLU B 74 -31.44 -34.17 0.80
N PHE B 75 -30.22 -33.73 1.10
CA PHE B 75 -29.05 -34.20 0.36
C PHE B 75 -28.84 -35.71 0.46
N ILE B 76 -28.89 -36.24 1.69
CA ILE B 76 -28.71 -37.66 1.91
C ILE B 76 -29.70 -38.45 1.05
N ASN B 77 -30.96 -38.04 1.07
CA ASN B 77 -31.99 -38.70 0.27
C ASN B 77 -31.68 -38.55 -1.21
N GLN B 78 -31.19 -37.37 -1.57
CA GLN B 78 -30.85 -37.09 -2.95
C GLN B 78 -29.69 -37.98 -3.38
N TYR B 79 -28.73 -38.15 -2.47
CA TYR B 79 -27.57 -38.98 -2.73
C TYR B 79 -27.95 -40.45 -2.93
N TYR B 80 -28.71 -41.00 -1.98
CA TYR B 80 -29.14 -42.38 -2.05
C TYR B 80 -30.14 -42.64 -3.16
N GLY B 81 -30.87 -41.60 -3.54
CA GLY B 81 -31.85 -41.74 -4.60
C GLY B 81 -31.21 -41.82 -5.97
N SER B 82 -29.92 -41.49 -6.05
CA SER B 82 -29.21 -41.52 -7.32
C SER B 82 -28.63 -42.90 -7.61
N PHE B 83 -28.63 -43.78 -6.61
CA PHE B 83 -28.10 -45.12 -6.81
C PHE B 83 -28.94 -45.88 -7.83
N LYS B 84 -28.28 -46.52 -8.78
CA LYS B 84 -28.99 -47.29 -9.80
C LYS B 84 -29.70 -48.44 -9.11
N GLU B 85 -29.09 -48.93 -8.04
CA GLU B 85 -29.63 -50.04 -7.27
C GLU B 85 -29.80 -49.57 -5.83
N ALA B 86 -31.05 -49.27 -5.45
CA ALA B 86 -31.34 -48.78 -4.11
C ALA B 86 -30.71 -49.60 -2.98
N LYS B 87 -30.53 -48.94 -1.85
CA LYS B 87 -29.95 -49.55 -0.65
C LYS B 87 -30.64 -48.87 0.54
N ILE B 88 -31.91 -49.20 0.72
CA ILE B 88 -32.72 -48.64 1.78
C ILE B 88 -32.07 -48.68 3.15
N GLU B 89 -31.47 -49.82 3.48
CA GLU B 89 -30.83 -49.97 4.77
C GLU B 89 -29.75 -48.93 5.01
N GLU B 90 -28.74 -48.89 4.14
CA GLU B 90 -27.65 -47.92 4.28
C GLU B 90 -28.19 -46.51 4.25
N HIS B 91 -29.25 -46.31 3.47
CA HIS B 91 -29.89 -45.01 3.33
C HIS B 91 -30.48 -44.58 4.68
N LEU B 92 -31.31 -45.45 5.27
CA LEU B 92 -31.92 -45.15 6.56
C LEU B 92 -30.87 -44.96 7.64
N ALA B 93 -29.87 -45.84 7.66
CA ALA B 93 -28.81 -45.75 8.66
C ALA B 93 -28.09 -44.43 8.54
N ARG B 94 -27.77 -44.07 7.30
CA ARG B 94 -27.06 -42.82 7.05
C ARG B 94 -27.92 -41.65 7.52
N LEU B 95 -29.20 -41.69 7.17
CA LEU B 95 -30.13 -40.64 7.58
C LEU B 95 -30.07 -40.45 9.09
N GLU B 96 -30.26 -41.55 9.82
CA GLU B 96 -30.23 -41.50 11.27
C GLU B 96 -28.90 -41.01 11.79
N ALA B 97 -27.82 -41.54 11.23
CA ALA B 97 -26.48 -41.15 11.64
C ALA B 97 -26.26 -39.64 11.53
N VAL B 98 -26.52 -39.09 10.34
CA VAL B 98 -26.34 -37.65 10.12
C VAL B 98 -27.26 -36.83 11.03
N THR B 99 -28.48 -37.33 11.22
CA THR B 99 -29.44 -36.64 12.08
C THR B 99 -28.86 -36.53 13.49
N LYS B 100 -28.37 -37.65 14.02
CA LYS B 100 -27.80 -37.66 15.36
C LYS B 100 -26.53 -36.81 15.46
N GLU B 101 -25.67 -36.91 14.46
CA GLU B 101 -24.43 -36.15 14.48
C GLU B 101 -24.72 -34.66 14.53
N ILE B 102 -25.66 -34.20 13.70
CA ILE B 102 -26.03 -32.80 13.67
C ILE B 102 -26.59 -32.32 15.01
N GLU B 103 -27.57 -33.06 15.54
CA GLU B 103 -28.19 -32.70 16.81
C GLU B 103 -27.22 -32.68 17.99
N THR B 104 -26.27 -33.60 18.01
CA THR B 104 -25.30 -33.65 19.09
C THR B 104 -24.10 -32.75 18.85
N THR B 105 -23.63 -32.71 17.61
CA THR B 105 -22.46 -31.91 17.24
C THR B 105 -22.77 -30.50 16.76
N GLY B 106 -23.89 -30.35 16.07
CA GLY B 106 -24.25 -29.05 15.55
C GLY B 106 -23.92 -28.97 14.07
N THR B 107 -23.22 -30.00 13.57
CA THR B 107 -22.84 -30.07 12.17
C THR B 107 -22.60 -31.53 11.81
N TYR B 108 -21.95 -31.76 10.67
CA TYR B 108 -21.65 -33.13 10.25
C TYR B 108 -20.59 -33.20 9.17
N GLN B 109 -20.18 -34.42 8.84
CA GLN B 109 -19.16 -34.64 7.83
C GLN B 109 -19.70 -35.53 6.72
N LEU B 110 -19.33 -35.21 5.49
CA LEU B 110 -19.74 -35.99 4.32
C LEU B 110 -18.74 -37.10 4.11
N THR B 111 -19.19 -38.21 3.53
CA THR B 111 -18.27 -39.31 3.23
C THR B 111 -17.61 -38.85 1.93
N LEU B 112 -16.51 -39.49 1.54
CA LEU B 112 -15.84 -39.08 0.30
C LEU B 112 -16.80 -39.21 -0.87
N ASP B 113 -17.50 -40.33 -0.94
CA ASP B 113 -18.42 -40.55 -2.03
C ASP B 113 -19.54 -39.48 -2.09
N GLU B 114 -20.04 -39.06 -0.94
CA GLU B 114 -21.07 -38.04 -0.90
C GLU B 114 -20.52 -36.72 -1.44
N LEU B 115 -19.30 -36.39 -1.04
CA LEU B 115 -18.65 -35.16 -1.49
C LEU B 115 -18.47 -35.16 -3.00
N ILE B 116 -17.98 -36.29 -3.53
CA ILE B 116 -17.75 -36.43 -4.96
C ILE B 116 -19.07 -36.24 -5.70
N PHE B 117 -20.10 -36.95 -5.26
CA PHE B 117 -21.43 -36.85 -5.85
C PHE B 117 -21.92 -35.41 -5.79
N ALA B 118 -21.64 -34.75 -4.68
CA ALA B 118 -22.06 -33.37 -4.48
C ALA B 118 -21.43 -32.39 -5.47
N THR B 119 -20.11 -32.49 -5.65
CA THR B 119 -19.40 -31.58 -6.56
C THR B 119 -19.90 -31.69 -8.00
N LYS B 120 -20.27 -32.89 -8.42
CA LYS B 120 -20.77 -33.12 -9.76
C LYS B 120 -22.18 -32.58 -9.93
N MET B 121 -23.03 -32.82 -8.93
CA MET B 121 -24.40 -32.32 -8.97
C MET B 121 -24.38 -30.81 -8.98
N ALA B 122 -23.46 -30.24 -8.20
CA ALA B 122 -23.33 -28.78 -8.15
C ALA B 122 -22.96 -28.25 -9.53
N TRP B 123 -22.11 -28.97 -10.24
CA TRP B 123 -21.70 -28.55 -11.56
C TRP B 123 -22.92 -28.67 -12.46
N ARG B 124 -23.58 -29.82 -12.36
CA ARG B 124 -24.78 -30.10 -13.14
C ARG B 124 -25.84 -29.00 -12.93
N ASN B 125 -25.87 -28.43 -11.72
CA ASN B 125 -26.83 -27.37 -11.38
C ASN B 125 -26.35 -25.94 -11.58
N ALA B 126 -25.21 -25.75 -12.24
CA ALA B 126 -24.66 -24.42 -12.49
C ALA B 126 -25.35 -23.82 -13.72
N PRO B 127 -26.31 -22.93 -13.51
CA PRO B 127 -27.07 -22.29 -14.61
C PRO B 127 -26.26 -21.51 -15.64
N ARG B 128 -25.06 -21.08 -15.27
CA ARG B 128 -24.27 -20.28 -16.17
C ARG B 128 -23.19 -21.02 -16.94
N CYS B 129 -23.07 -22.33 -16.70
CA CYS B 129 -22.08 -23.16 -17.38
C CYS B 129 -22.61 -23.81 -18.65
N ILE B 130 -21.89 -23.63 -19.75
CA ILE B 130 -22.26 -24.19 -21.05
C ILE B 130 -21.66 -25.59 -21.27
N GLY B 131 -20.68 -25.99 -20.44
CA GLY B 131 -20.05 -27.28 -20.64
C GLY B 131 -20.55 -28.43 -19.80
N ARG B 132 -21.73 -28.27 -19.22
CA ARG B 132 -22.32 -29.26 -18.35
C ARG B 132 -22.59 -30.66 -18.88
N ILE B 133 -22.36 -30.93 -20.16
CA ILE B 133 -22.59 -32.28 -20.63
C ILE B 133 -21.47 -33.17 -20.04
N GLN B 134 -20.42 -32.50 -19.55
CA GLN B 134 -19.26 -33.16 -18.93
C GLN B 134 -19.39 -33.32 -17.42
N TRP B 135 -20.52 -32.86 -16.86
CA TRP B 135 -20.75 -32.87 -15.42
C TRP B 135 -20.33 -34.07 -14.57
N SER B 136 -20.42 -35.28 -15.10
CA SER B 136 -20.04 -36.44 -14.30
C SER B 136 -18.56 -36.82 -14.45
N ASN B 137 -17.85 -36.10 -15.31
CA ASN B 137 -16.44 -36.35 -15.57
C ASN B 137 -15.60 -35.31 -14.83
N LEU B 138 -15.42 -35.52 -13.53
CA LEU B 138 -14.69 -34.58 -12.70
C LEU B 138 -13.78 -35.28 -11.68
N GLN B 139 -12.53 -34.87 -11.65
CA GLN B 139 -11.56 -35.43 -10.71
C GLN B 139 -11.76 -34.64 -9.42
N VAL B 140 -11.88 -35.36 -8.30
CA VAL B 140 -12.09 -34.70 -7.02
C VAL B 140 -10.90 -34.88 -6.08
N PHE B 141 -10.37 -33.77 -5.59
CA PHE B 141 -9.25 -33.80 -4.66
C PHE B 141 -9.77 -33.43 -3.28
N ASP B 142 -9.72 -34.38 -2.36
CA ASP B 142 -10.18 -34.16 -0.99
C ASP B 142 -9.09 -33.53 -0.13
N ALA B 143 -9.18 -32.22 0.09
CA ALA B 143 -8.21 -31.52 0.93
C ALA B 143 -8.92 -30.97 2.17
N ARG B 144 -9.90 -31.73 2.65
CA ARG B 144 -10.64 -31.33 3.83
C ARG B 144 -9.82 -31.42 5.11
N ASN B 145 -8.70 -32.14 5.04
CA ASN B 145 -7.82 -32.31 6.20
C ASN B 145 -6.73 -31.24 6.20
N CYS B 146 -6.80 -30.33 5.23
CA CYS B 146 -5.82 -29.26 5.12
C CYS B 146 -5.89 -28.41 6.38
N SER B 147 -4.81 -27.69 6.68
CA SER B 147 -4.81 -26.84 7.87
C SER B 147 -3.97 -25.59 7.74
N THR B 148 -2.96 -25.62 6.88
CA THR B 148 -2.10 -24.44 6.72
C THR B 148 -2.12 -23.90 5.30
N ALA B 149 -1.71 -22.65 5.14
CA ALA B 149 -1.67 -22.01 3.83
C ALA B 149 -0.68 -22.72 2.92
N GLN B 150 0.42 -23.20 3.49
CA GLN B 150 1.43 -23.91 2.72
C GLN B 150 0.84 -25.20 2.15
N GLU B 151 -0.03 -25.82 2.93
CA GLU B 151 -0.69 -27.05 2.49
C GLU B 151 -1.67 -26.71 1.38
N MET B 152 -2.34 -25.57 1.51
CA MET B 152 -3.28 -25.12 0.49
C MET B 152 -2.52 -24.93 -0.81
N PHE B 153 -1.44 -24.16 -0.72
CA PHE B 153 -0.59 -23.87 -1.86
C PHE B 153 -0.15 -25.16 -2.54
N GLN B 154 0.16 -26.17 -1.73
CA GLN B 154 0.58 -27.45 -2.28
C GLN B 154 -0.55 -28.19 -2.97
N HIS B 155 -1.76 -28.07 -2.45
CA HIS B 155 -2.90 -28.74 -3.06
C HIS B 155 -3.26 -28.06 -4.37
N ILE B 156 -3.22 -26.73 -4.37
CA ILE B 156 -3.54 -25.94 -5.55
C ILE B 156 -2.54 -26.23 -6.66
N CYS B 157 -1.28 -26.41 -6.32
CA CYS B 157 -0.26 -26.73 -7.32
C CYS B 157 -0.56 -28.12 -7.89
N ARG B 158 -0.91 -29.04 -7.01
CA ARG B 158 -1.22 -30.41 -7.42
C ARG B 158 -2.38 -30.36 -8.40
N HIS B 159 -3.39 -29.56 -8.06
CA HIS B 159 -4.57 -29.39 -8.88
C HIS B 159 -4.17 -28.84 -10.25
N ILE B 160 -3.46 -27.72 -10.25
CA ILE B 160 -3.01 -27.11 -11.49
C ILE B 160 -2.25 -28.09 -12.38
N LEU B 161 -1.35 -28.85 -11.77
CA LEU B 161 -0.55 -29.82 -12.49
C LEU B 161 -1.40 -30.93 -13.11
N TYR B 162 -2.29 -31.51 -12.32
CA TYR B 162 -3.17 -32.57 -12.81
C TYR B 162 -4.06 -32.08 -13.95
N ALA B 163 -4.68 -30.93 -13.72
CA ALA B 163 -5.61 -30.32 -14.67
C ALA B 163 -4.97 -29.87 -15.98
N THR B 164 -3.78 -29.29 -15.91
CA THR B 164 -3.11 -28.82 -17.11
C THR B 164 -2.70 -29.99 -17.99
N ASN B 165 -2.17 -31.04 -17.35
CA ASN B 165 -1.78 -32.26 -18.02
C ASN B 165 -1.11 -32.06 -19.38
N ASN B 166 -0.19 -31.10 -19.43
CA ASN B 166 0.58 -30.80 -20.64
C ASN B 166 -0.28 -30.46 -21.85
N GLY B 167 -1.40 -29.77 -21.63
CA GLY B 167 -2.25 -29.39 -22.74
C GLY B 167 -3.50 -30.25 -22.90
N ASN B 168 -3.46 -31.48 -22.42
CA ASN B 168 -4.63 -32.35 -22.51
C ASN B 168 -5.45 -32.06 -21.23
N ILE B 169 -6.10 -30.90 -21.21
CA ILE B 169 -6.87 -30.43 -20.07
C ILE B 169 -7.87 -31.43 -19.48
N ARG B 170 -7.86 -31.53 -18.15
CA ARG B 170 -8.76 -32.42 -17.41
C ARG B 170 -9.49 -31.60 -16.35
N SER B 171 -10.80 -31.83 -16.22
CA SER B 171 -11.61 -31.10 -15.24
C SER B 171 -11.35 -31.63 -13.84
N ALA B 172 -11.23 -30.73 -12.89
CA ALA B 172 -10.99 -31.12 -11.51
C ALA B 172 -11.45 -30.05 -10.52
N ILE B 173 -11.52 -30.45 -9.25
CA ILE B 173 -11.94 -29.54 -8.19
C ILE B 173 -11.20 -29.95 -6.91
N THR B 174 -10.82 -28.96 -6.11
CA THR B 174 -10.13 -29.23 -4.85
C THR B 174 -10.99 -28.70 -3.71
N VAL B 175 -11.43 -29.60 -2.84
CA VAL B 175 -12.28 -29.22 -1.73
C VAL B 175 -11.53 -29.07 -0.41
N PHE B 176 -11.46 -27.84 0.08
CA PHE B 176 -10.79 -27.53 1.34
C PHE B 176 -11.80 -27.67 2.50
N PRO B 177 -11.33 -27.54 3.75
CA PRO B 177 -12.24 -27.66 4.90
C PRO B 177 -13.54 -26.84 4.88
N GLN B 178 -14.65 -27.51 5.17
CA GLN B 178 -15.96 -26.87 5.22
C GLN B 178 -16.00 -25.86 6.35
N ARG B 179 -16.70 -24.76 6.10
CA ARG B 179 -16.86 -23.71 7.09
C ARG B 179 -17.39 -24.28 8.40
N SER B 180 -16.87 -23.77 9.52
CA SER B 180 -17.32 -24.25 10.83
C SER B 180 -18.12 -23.18 11.55
N ASP B 181 -17.45 -22.19 12.13
CA ASP B 181 -18.14 -21.11 12.83
C ASP B 181 -18.12 -19.84 12.01
N GLY B 182 -17.50 -19.91 10.83
CA GLY B 182 -17.43 -18.76 9.96
C GLY B 182 -16.27 -17.86 10.33
N LYS B 183 -15.51 -18.25 11.35
CA LYS B 183 -14.37 -17.48 11.79
C LYS B 183 -13.08 -18.15 11.38
N HIS B 184 -13.19 -19.36 10.86
CA HIS B 184 -12.01 -20.11 10.43
C HIS B 184 -12.15 -20.57 8.98
N ASP B 185 -12.69 -19.68 8.14
CA ASP B 185 -12.88 -19.99 6.73
C ASP B 185 -11.58 -20.11 5.95
N PHE B 186 -11.56 -21.06 5.03
CA PHE B 186 -10.43 -21.21 4.13
C PHE B 186 -10.93 -20.39 2.94
N ARG B 187 -10.07 -19.54 2.38
CA ARG B 187 -10.49 -18.74 1.24
C ARG B 187 -9.34 -18.53 0.26
N LEU B 188 -9.69 -18.47 -1.03
CA LEU B 188 -8.71 -18.16 -2.05
C LEU B 188 -9.12 -16.74 -2.38
N TRP B 189 -8.21 -15.80 -2.27
CA TRP B 189 -8.55 -14.42 -2.55
C TRP B 189 -8.56 -14.11 -4.04
N ASN B 190 -7.94 -14.97 -4.83
CA ASN B 190 -7.93 -14.78 -6.29
C ASN B 190 -9.30 -15.13 -6.85
N SER B 191 -9.63 -14.58 -8.01
CA SER B 191 -10.90 -14.88 -8.65
C SER B 191 -10.70 -16.19 -9.39
N GLN B 192 -9.56 -16.29 -10.06
CA GLN B 192 -9.21 -17.49 -10.81
C GLN B 192 -7.79 -17.88 -10.41
N LEU B 193 -7.44 -19.16 -10.56
CA LEU B 193 -6.11 -19.61 -10.18
C LEU B 193 -5.04 -18.91 -11.00
N ILE B 194 -5.22 -18.88 -12.32
CA ILE B 194 -4.27 -18.22 -13.21
C ILE B 194 -4.91 -16.95 -13.74
N ARG B 195 -4.18 -15.86 -13.64
CA ARG B 195 -4.70 -14.57 -14.06
C ARG B 195 -3.50 -13.60 -14.21
N TYR B 196 -3.60 -12.64 -15.12
CA TYR B 196 -2.49 -11.70 -15.33
C TYR B 196 -2.62 -10.39 -14.56
N ALA B 197 -1.48 -9.87 -14.13
CA ALA B 197 -1.45 -8.63 -13.38
C ALA B 197 -1.72 -7.42 -14.26
N GLY B 198 -2.15 -6.35 -13.63
CA GLY B 198 -2.42 -5.11 -14.33
C GLY B 198 -1.70 -4.01 -13.57
N TYR B 199 -0.97 -3.14 -14.27
CA TYR B 199 -0.24 -2.08 -13.61
C TYR B 199 -0.52 -0.72 -14.20
N GLN B 200 -0.66 0.28 -13.34
CA GLN B 200 -0.85 1.64 -13.82
C GLN B 200 0.58 2.17 -13.86
N MET B 201 1.07 2.42 -15.06
CA MET B 201 2.43 2.91 -15.25
C MET B 201 2.61 4.38 -14.88
N PRO B 202 3.87 4.81 -14.75
CA PRO B 202 4.22 6.19 -14.40
C PRO B 202 3.60 7.17 -15.39
N ASP B 203 3.66 6.85 -16.68
CA ASP B 203 3.08 7.71 -17.71
C ASP B 203 1.56 7.74 -17.68
N GLY B 204 0.95 6.92 -16.84
CA GLY B 204 -0.50 6.91 -16.74
C GLY B 204 -1.21 5.80 -17.49
N THR B 205 -0.52 5.12 -18.40
CA THR B 205 -1.16 4.05 -19.15
C THR B 205 -1.26 2.79 -18.28
N ILE B 206 -2.18 1.90 -18.65
CA ILE B 206 -2.36 0.66 -17.94
C ILE B 206 -1.59 -0.41 -18.70
N ARG B 207 -0.87 -1.26 -17.97
CA ARG B 207 -0.10 -2.32 -18.61
C ARG B 207 -0.60 -3.67 -18.10
N GLY B 208 -0.79 -4.60 -19.03
CA GLY B 208 -1.27 -5.90 -18.63
C GLY B 208 -2.79 -5.94 -18.65
N ASP B 209 -3.38 -6.59 -17.66
CA ASP B 209 -4.83 -6.73 -17.58
C ASP B 209 -5.45 -5.68 -16.67
N ALA B 210 -6.01 -4.64 -17.27
CA ALA B 210 -6.63 -3.58 -16.48
C ALA B 210 -7.68 -4.10 -15.52
N ALA B 211 -8.25 -5.26 -15.84
CA ALA B 211 -9.29 -5.83 -15.00
C ALA B 211 -8.80 -6.19 -13.61
N THR B 212 -7.49 -6.40 -13.47
CA THR B 212 -6.91 -6.76 -12.17
C THR B 212 -6.05 -5.67 -11.52
N LEU B 213 -6.35 -4.40 -11.80
CA LEU B 213 -5.60 -3.31 -11.22
C LEU B 213 -5.59 -3.36 -9.70
N GLU B 214 -6.76 -3.40 -9.09
CA GLU B 214 -6.87 -3.44 -7.65
C GLU B 214 -6.28 -4.68 -7.00
N PHE B 215 -6.63 -5.85 -7.51
CA PHE B 215 -6.11 -7.08 -6.93
C PHE B 215 -4.59 -7.14 -7.06
N THR B 216 -4.06 -6.57 -8.12
CA THR B 216 -2.62 -6.60 -8.31
C THR B 216 -1.98 -5.76 -7.21
N GLN B 217 -2.58 -4.61 -6.93
CA GLN B 217 -2.08 -3.74 -5.88
C GLN B 217 -2.09 -4.49 -4.55
N LEU B 218 -3.22 -5.08 -4.20
CA LEU B 218 -3.34 -5.83 -2.96
C LEU B 218 -2.18 -6.81 -2.81
N CYS B 219 -1.83 -7.47 -3.91
CA CYS B 219 -0.74 -8.42 -3.92
C CYS B 219 0.57 -7.73 -3.60
N ILE B 220 0.75 -6.55 -4.17
CA ILE B 220 1.96 -5.78 -3.96
C ILE B 220 2.01 -5.31 -2.50
N ASP B 221 0.85 -4.96 -1.97
CA ASP B 221 0.76 -4.51 -0.59
C ASP B 221 1.10 -5.65 0.37
N LEU B 222 0.92 -6.88 -0.10
CA LEU B 222 1.20 -8.05 0.73
C LEU B 222 2.61 -8.60 0.55
N GLY B 223 3.41 -7.95 -0.30
CA GLY B 223 4.77 -8.41 -0.49
C GLY B 223 5.16 -8.99 -1.83
N TRP B 224 4.22 -9.09 -2.75
CA TRP B 224 4.53 -9.63 -4.05
C TRP B 224 5.32 -8.59 -4.82
N LYS B 225 6.35 -9.01 -5.55
CA LYS B 225 7.15 -8.07 -6.32
C LYS B 225 6.60 -7.90 -7.74
N PRO B 226 6.18 -6.68 -8.10
CA PRO B 226 5.64 -6.39 -9.43
C PRO B 226 6.71 -6.52 -10.51
N ARG B 227 6.36 -7.12 -11.63
CA ARG B 227 7.29 -7.31 -12.73
C ARG B 227 7.00 -6.41 -13.91
N TYR B 228 6.00 -5.55 -13.75
CA TYR B 228 5.59 -4.62 -14.80
C TYR B 228 5.56 -5.21 -16.21
N GLY B 229 5.13 -6.46 -16.30
CA GLY B 229 5.03 -7.12 -17.58
C GLY B 229 3.60 -7.02 -18.10
N ARG B 230 3.38 -7.40 -19.34
CA ARG B 230 2.03 -7.34 -19.90
C ARG B 230 1.27 -8.62 -19.58
N PHE B 231 2.01 -9.69 -19.29
CA PHE B 231 1.43 -10.97 -18.97
C PHE B 231 2.09 -11.62 -17.75
N ASP B 232 2.08 -10.92 -16.62
CA ASP B 232 2.67 -11.47 -15.40
C ASP B 232 1.62 -12.21 -14.61
N VAL B 233 1.85 -13.50 -14.40
CA VAL B 233 0.92 -14.31 -13.64
C VAL B 233 0.91 -13.87 -12.17
N LEU B 234 -0.26 -13.46 -11.71
CA LEU B 234 -0.44 -13.02 -10.34
C LEU B 234 -0.21 -14.17 -9.37
N PRO B 235 0.17 -13.85 -8.12
CA PRO B 235 0.41 -14.89 -7.12
C PRO B 235 -0.88 -15.39 -6.50
N LEU B 236 -0.81 -16.51 -5.79
CA LEU B 236 -1.96 -17.06 -5.10
C LEU B 236 -1.98 -16.39 -3.72
N VAL B 237 -3.13 -15.83 -3.35
CA VAL B 237 -3.31 -15.19 -2.05
C VAL B 237 -4.19 -16.13 -1.27
N LEU B 238 -3.60 -16.89 -0.36
CA LEU B 238 -4.32 -17.90 0.40
C LEU B 238 -4.61 -17.62 1.87
N GLN B 239 -5.84 -17.93 2.26
CA GLN B 239 -6.31 -17.76 3.63
C GLN B 239 -6.69 -19.13 4.16
N ALA B 240 -6.04 -19.55 5.23
CA ALA B 240 -6.34 -20.84 5.84
C ALA B 240 -6.80 -20.65 7.28
N ASP B 241 -7.82 -21.42 7.68
CA ASP B 241 -8.32 -21.36 9.04
C ASP B 241 -8.57 -19.94 9.55
N GLY B 242 -9.24 -19.12 8.74
CA GLY B 242 -9.53 -17.75 9.15
C GLY B 242 -8.33 -16.84 9.32
N GLN B 243 -7.13 -17.39 9.17
CA GLN B 243 -5.92 -16.58 9.31
C GLN B 243 -5.77 -15.59 8.16
N ASP B 244 -4.93 -14.57 8.38
CA ASP B 244 -4.68 -13.57 7.35
C ASP B 244 -4.13 -14.28 6.13
N PRO B 245 -4.31 -13.68 4.93
CA PRO B 245 -3.82 -14.27 3.68
C PRO B 245 -2.31 -14.26 3.47
N GLU B 246 -1.80 -15.32 2.86
CA GLU B 246 -0.37 -15.44 2.57
C GLU B 246 -0.19 -15.50 1.06
N VAL B 247 0.84 -14.82 0.57
CA VAL B 247 1.12 -14.78 -0.85
C VAL B 247 2.07 -15.88 -1.29
N PHE B 248 1.75 -16.54 -2.40
CA PHE B 248 2.58 -17.60 -2.96
C PHE B 248 2.64 -17.44 -4.47
N GLU B 249 3.86 -17.35 -5.02
CA GLU B 249 4.00 -17.21 -6.45
C GLU B 249 3.77 -18.60 -7.04
N ILE B 250 3.10 -18.65 -8.19
CA ILE B 250 2.82 -19.92 -8.81
C ILE B 250 4.04 -20.39 -9.60
N PRO B 251 4.53 -21.60 -9.31
CA PRO B 251 5.68 -22.16 -10.01
C PRO B 251 5.45 -22.10 -11.52
N PRO B 252 6.20 -21.24 -12.22
CA PRO B 252 6.11 -21.04 -13.67
C PRO B 252 6.02 -22.31 -14.52
N ASP B 253 6.69 -23.38 -14.10
CA ASP B 253 6.64 -24.62 -14.87
C ASP B 253 5.22 -25.19 -14.87
N LEU B 254 4.40 -24.75 -13.93
CA LEU B 254 3.01 -25.24 -13.83
C LEU B 254 2.02 -24.47 -14.68
N VAL B 255 2.39 -23.26 -15.07
CA VAL B 255 1.52 -22.42 -15.89
C VAL B 255 1.75 -22.62 -17.40
N LEU B 256 0.83 -23.31 -18.07
CA LEU B 256 0.97 -23.55 -19.49
C LEU B 256 0.36 -22.40 -20.27
N GLU B 257 1.08 -21.92 -21.28
CA GLU B 257 0.59 -20.81 -22.07
C GLU B 257 0.61 -21.12 -23.55
N VAL B 258 -0.15 -20.33 -24.31
CA VAL B 258 -0.27 -20.48 -25.75
C VAL B 258 0.01 -19.13 -26.39
N THR B 259 1.00 -19.07 -27.29
CA THR B 259 1.31 -17.81 -27.94
C THR B 259 0.37 -17.68 -29.13
N MET B 260 -0.19 -16.50 -29.30
CA MET B 260 -1.15 -16.24 -30.36
C MET B 260 -0.60 -15.99 -31.76
N GLU B 261 -1.05 -16.83 -32.69
CA GLU B 261 -0.68 -16.75 -34.09
C GLU B 261 -1.97 -16.82 -34.90
N HIS B 262 -1.90 -16.40 -36.16
CA HIS B 262 -3.05 -16.49 -37.05
C HIS B 262 -2.62 -17.39 -38.21
N PRO B 263 -3.52 -18.27 -38.68
CA PRO B 263 -3.20 -19.17 -39.78
C PRO B 263 -2.88 -18.50 -41.12
N LYS B 264 -3.21 -17.22 -41.25
CA LYS B 264 -2.91 -16.51 -42.49
C LYS B 264 -2.12 -15.22 -42.26
N TYR B 265 -2.56 -14.41 -41.31
CA TYR B 265 -1.89 -13.15 -41.00
C TYR B 265 -0.60 -13.40 -40.23
N GLU B 266 0.54 -13.15 -40.88
CA GLU B 266 1.82 -13.36 -40.22
C GLU B 266 2.09 -12.30 -39.16
N TRP B 267 1.52 -11.11 -39.35
CA TRP B 267 1.71 -10.02 -38.41
C TRP B 267 0.97 -10.26 -37.09
N PHE B 268 0.15 -11.30 -37.03
CA PHE B 268 -0.60 -11.54 -35.80
C PHE B 268 0.35 -11.87 -34.65
N GLN B 269 1.39 -12.66 -34.93
CA GLN B 269 2.36 -13.00 -33.89
C GLN B 269 3.08 -11.72 -33.43
N GLU B 270 3.12 -10.73 -34.31
CA GLU B 270 3.77 -9.45 -33.99
C GLU B 270 3.02 -8.65 -32.93
N LEU B 271 1.78 -9.04 -32.65
CA LEU B 271 0.98 -8.34 -31.65
C LEU B 271 1.54 -8.69 -30.27
N GLY B 272 2.25 -9.82 -30.21
CA GLY B 272 2.85 -10.26 -28.96
C GLY B 272 1.88 -10.75 -27.91
N LEU B 273 0.82 -11.43 -28.34
CA LEU B 273 -0.20 -11.93 -27.41
C LEU B 273 -0.10 -13.39 -27.06
N LYS B 274 -0.56 -13.72 -25.85
CA LYS B 274 -0.58 -15.10 -25.39
C LYS B 274 -1.65 -15.20 -24.31
N TRP B 275 -1.96 -16.41 -23.87
CA TRP B 275 -2.93 -16.60 -22.81
C TRP B 275 -2.69 -17.95 -22.16
N TYR B 276 -3.16 -18.12 -20.93
CA TYR B 276 -2.98 -19.40 -20.25
C TYR B 276 -4.04 -20.42 -20.70
N ALA B 277 -3.72 -21.69 -20.56
CA ALA B 277 -4.62 -22.76 -20.97
C ALA B 277 -5.60 -23.22 -19.91
N LEU B 278 -5.35 -22.86 -18.66
CA LEU B 278 -6.20 -23.32 -17.56
C LEU B 278 -7.24 -22.32 -17.06
N PRO B 279 -8.53 -22.60 -17.32
CA PRO B 279 -9.65 -21.76 -16.88
C PRO B 279 -10.13 -22.29 -15.53
N ALA B 280 -9.64 -21.71 -14.45
CA ALA B 280 -10.00 -22.20 -13.12
C ALA B 280 -10.63 -21.15 -12.22
N VAL B 281 -11.87 -21.42 -11.82
CA VAL B 281 -12.63 -20.54 -10.92
C VAL B 281 -12.14 -20.83 -9.51
N ALA B 282 -11.67 -19.80 -8.81
CA ALA B 282 -11.13 -20.02 -7.46
C ALA B 282 -11.85 -19.41 -6.29
N ASN B 283 -12.81 -18.52 -6.54
CA ASN B 283 -13.49 -17.84 -5.43
C ASN B 283 -14.95 -18.20 -5.14
N MET B 284 -15.43 -19.33 -5.63
CA MET B 284 -16.82 -19.67 -5.36
C MET B 284 -16.98 -20.61 -4.17
N LEU B 285 -18.20 -20.73 -3.68
CA LEU B 285 -18.50 -21.56 -2.53
C LEU B 285 -19.40 -22.71 -2.91
N LEU B 286 -19.03 -23.90 -2.46
CA LEU B 286 -19.83 -25.08 -2.74
C LEU B 286 -20.79 -25.30 -1.56
N GLU B 287 -22.08 -25.33 -1.86
CA GLU B 287 -23.10 -25.55 -0.86
C GLU B 287 -23.66 -26.94 -1.08
N VAL B 288 -23.70 -27.72 -0.01
CA VAL B 288 -24.25 -29.07 -0.09
C VAL B 288 -24.84 -29.46 1.27
N GLY B 289 -26.09 -29.91 1.25
CA GLY B 289 -26.77 -30.32 2.47
C GLY B 289 -26.58 -29.41 3.66
N GLY B 290 -26.57 -28.10 3.44
CA GLY B 290 -26.40 -27.18 4.55
C GLY B 290 -24.95 -26.82 4.81
N LEU B 291 -24.04 -27.69 4.40
CA LEU B 291 -22.61 -27.43 4.58
C LEU B 291 -22.13 -26.39 3.56
N GLU B 292 -21.11 -25.63 3.93
CA GLU B 292 -20.56 -24.61 3.06
C GLU B 292 -19.04 -24.72 2.95
N PHE B 293 -18.54 -24.82 1.72
CA PHE B 293 -17.10 -24.90 1.49
C PHE B 293 -16.67 -23.60 0.80
N PRO B 294 -16.16 -22.64 1.58
CA PRO B 294 -15.70 -21.32 1.10
C PRO B 294 -14.49 -21.38 0.16
N ALA B 295 -13.85 -22.55 0.07
CA ALA B 295 -12.69 -22.70 -0.79
C ALA B 295 -12.76 -24.03 -1.52
N CYS B 296 -12.97 -23.95 -2.83
CA CYS B 296 -13.06 -25.14 -3.67
C CYS B 296 -12.83 -24.74 -5.13
N PRO B 297 -11.56 -24.51 -5.51
CA PRO B 297 -11.28 -24.13 -6.89
C PRO B 297 -11.59 -25.26 -7.86
N PHE B 298 -12.14 -24.91 -9.02
CA PHE B 298 -12.45 -25.91 -10.03
C PHE B 298 -12.18 -25.37 -11.43
N ASN B 299 -12.01 -26.29 -12.37
CA ASN B 299 -11.72 -25.90 -13.74
C ASN B 299 -12.20 -26.92 -14.75
N GLY B 300 -12.37 -26.46 -15.98
CA GLY B 300 -12.73 -27.31 -17.10
C GLY B 300 -11.73 -26.88 -18.15
N TRP B 301 -12.19 -26.65 -19.39
CA TRP B 301 -11.29 -26.17 -20.42
C TRP B 301 -11.95 -24.99 -21.09
N TYR B 302 -11.15 -24.14 -21.71
CA TYR B 302 -11.62 -22.93 -22.36
C TYR B 302 -12.54 -23.07 -23.56
N MET B 303 -13.30 -22.01 -23.79
CA MET B 303 -14.16 -21.88 -24.96
C MET B 303 -13.50 -20.66 -25.58
N GLY B 304 -13.08 -20.81 -26.82
CA GLY B 304 -12.38 -19.75 -27.53
C GLY B 304 -12.83 -18.32 -27.36
N THR B 305 -14.13 -18.09 -27.40
CA THR B 305 -14.66 -16.76 -27.29
C THR B 305 -14.32 -16.04 -25.98
N GLU B 306 -13.98 -16.80 -24.94
CA GLU B 306 -13.63 -16.19 -23.66
C GLU B 306 -12.36 -15.36 -23.81
N ILE B 307 -11.38 -15.92 -24.52
CA ILE B 307 -10.11 -15.27 -24.77
C ILE B 307 -10.21 -14.35 -25.98
N GLY B 308 -10.63 -14.92 -27.11
CA GLY B 308 -10.73 -14.11 -28.31
C GLY B 308 -11.67 -12.91 -28.22
N VAL B 309 -12.80 -13.05 -27.54
CA VAL B 309 -13.76 -11.95 -27.46
C VAL B 309 -13.70 -11.09 -26.20
N ARG B 310 -13.77 -11.73 -25.03
CA ARG B 310 -13.79 -10.99 -23.78
C ARG B 310 -12.40 -10.48 -23.37
N ASP B 311 -11.47 -11.40 -23.12
CA ASP B 311 -10.12 -11.03 -22.72
C ASP B 311 -9.45 -10.06 -23.69
N PHE B 312 -9.46 -10.40 -24.98
CA PHE B 312 -8.82 -9.59 -26.02
C PHE B 312 -9.60 -8.40 -26.58
N CYS B 313 -10.92 -8.50 -26.68
CA CYS B 313 -11.68 -7.39 -27.27
C CYS B 313 -12.49 -6.51 -26.35
N ASP B 314 -12.73 -6.92 -25.12
CA ASP B 314 -13.46 -6.04 -24.20
C ASP B 314 -12.63 -4.76 -24.08
N THR B 315 -13.28 -3.60 -24.15
CA THR B 315 -12.55 -2.34 -24.06
C THR B 315 -11.79 -2.17 -22.74
N GLN B 316 -12.33 -2.69 -21.65
CA GLN B 316 -11.69 -2.57 -20.34
C GLN B 316 -10.73 -3.72 -20.05
N ARG B 317 -10.33 -4.45 -21.08
CA ARG B 317 -9.40 -5.57 -20.93
C ARG B 317 -8.21 -5.31 -21.86
N TYR B 318 -7.73 -6.31 -22.59
CA TYR B 318 -6.59 -6.06 -23.48
C TYR B 318 -6.92 -5.15 -24.65
N ASN B 319 -8.22 -4.99 -24.93
CA ASN B 319 -8.71 -4.09 -25.96
C ASN B 319 -7.88 -3.96 -27.25
N ILE B 320 -7.73 -5.07 -27.97
CA ILE B 320 -6.94 -5.08 -29.20
C ILE B 320 -7.75 -4.93 -30.49
N LEU B 321 -9.06 -4.72 -30.39
CA LEU B 321 -9.90 -4.67 -31.59
C LEU B 321 -9.51 -3.70 -32.71
N GLU B 322 -9.27 -2.45 -32.37
CA GLU B 322 -8.90 -1.46 -33.38
C GLU B 322 -7.54 -1.74 -34.04
N GLU B 323 -6.57 -2.13 -33.22
CA GLU B 323 -5.24 -2.45 -33.73
C GLU B 323 -5.38 -3.51 -34.81
N VAL B 324 -6.05 -4.61 -34.47
CA VAL B 324 -6.27 -5.69 -35.42
C VAL B 324 -7.04 -5.19 -36.64
N GLY B 325 -8.00 -4.30 -36.40
CA GLY B 325 -8.78 -3.75 -37.49
C GLY B 325 -7.91 -2.97 -38.46
N ARG B 326 -6.98 -2.20 -37.92
CA ARG B 326 -6.07 -1.41 -38.74
C ARG B 326 -5.15 -2.28 -39.57
N ARG B 327 -4.57 -3.29 -38.95
CA ARG B 327 -3.67 -4.18 -39.66
C ARG B 327 -4.36 -5.04 -40.68
N MET B 328 -5.69 -5.00 -40.69
CA MET B 328 -6.46 -5.77 -41.65
C MET B 328 -6.89 -4.88 -42.81
N GLY B 329 -6.62 -3.58 -42.69
CA GLY B 329 -6.96 -2.64 -43.74
C GLY B 329 -8.42 -2.20 -43.75
N LEU B 330 -9.16 -2.61 -42.73
CA LEU B 330 -10.58 -2.29 -42.62
C LEU B 330 -10.81 -0.80 -42.33
N GLU B 331 -12.06 -0.35 -42.55
CA GLU B 331 -12.43 1.04 -42.30
C GLU B 331 -12.81 1.16 -40.83
N THR B 332 -11.81 1.26 -39.97
CA THR B 332 -12.04 1.34 -38.54
C THR B 332 -12.66 2.67 -38.11
N HIS B 333 -12.95 3.54 -39.07
CA HIS B 333 -13.55 4.84 -38.76
C HIS B 333 -15.03 4.92 -39.12
N THR B 334 -15.56 3.84 -39.69
CA THR B 334 -16.95 3.77 -40.08
C THR B 334 -17.56 2.54 -39.42
N LEU B 335 -18.30 2.74 -38.34
CA LEU B 335 -18.93 1.62 -37.65
C LEU B 335 -19.74 0.76 -38.60
N ALA B 336 -20.52 1.42 -39.45
CA ALA B 336 -21.41 0.72 -40.38
C ALA B 336 -20.69 -0.21 -41.34
N SER B 337 -19.36 -0.13 -41.40
CA SER B 337 -18.59 -0.98 -42.28
C SER B 337 -18.48 -2.39 -41.70
N LEU B 338 -18.90 -2.54 -40.45
CA LEU B 338 -18.84 -3.81 -39.73
C LEU B 338 -17.40 -4.34 -39.58
N TRP B 339 -16.44 -3.42 -39.48
CA TRP B 339 -15.05 -3.82 -39.33
C TRP B 339 -14.80 -4.58 -38.03
N LYS B 340 -15.51 -4.21 -36.97
CA LYS B 340 -15.33 -4.91 -35.70
C LYS B 340 -15.76 -6.37 -35.81
N ASP B 341 -16.81 -6.61 -36.59
CA ASP B 341 -17.31 -7.98 -36.77
C ASP B 341 -16.24 -8.82 -37.45
N ARG B 342 -15.61 -8.26 -38.46
CA ARG B 342 -14.56 -8.96 -39.19
C ARG B 342 -13.30 -9.16 -38.36
N ALA B 343 -12.88 -8.14 -37.63
CA ALA B 343 -11.69 -8.24 -36.80
C ALA B 343 -11.86 -9.28 -35.70
N VAL B 344 -12.95 -9.17 -34.92
CA VAL B 344 -13.18 -10.10 -33.83
C VAL B 344 -13.16 -11.55 -34.30
N THR B 345 -13.67 -11.81 -35.50
CA THR B 345 -13.69 -13.18 -36.00
C THR B 345 -12.28 -13.70 -36.29
N GLU B 346 -11.42 -12.82 -36.81
CA GLU B 346 -10.07 -13.26 -37.09
C GLU B 346 -9.34 -13.54 -35.77
N ILE B 347 -9.62 -12.74 -34.76
CA ILE B 347 -9.01 -12.95 -33.45
C ILE B 347 -9.47 -14.29 -32.88
N ASN B 348 -10.75 -14.62 -33.08
CA ASN B 348 -11.27 -15.91 -32.60
C ASN B 348 -10.60 -17.06 -33.34
N VAL B 349 -10.38 -16.86 -34.64
CA VAL B 349 -9.71 -17.89 -35.44
C VAL B 349 -8.27 -18.06 -34.95
N ALA B 350 -7.62 -16.95 -34.62
CA ALA B 350 -6.25 -16.99 -34.12
C ALA B 350 -6.20 -17.83 -32.86
N VAL B 351 -7.11 -17.55 -31.93
CA VAL B 351 -7.16 -18.28 -30.67
C VAL B 351 -7.36 -19.78 -30.86
N LEU B 352 -8.37 -20.17 -31.64
CA LEU B 352 -8.61 -21.58 -31.88
C LEU B 352 -7.43 -22.27 -32.57
N HIS B 353 -6.90 -21.60 -33.60
CA HIS B 353 -5.76 -22.11 -34.35
C HIS B 353 -4.55 -22.30 -33.43
N SER B 354 -4.26 -21.29 -32.61
CA SER B 354 -3.13 -21.35 -31.70
C SER B 354 -3.21 -22.48 -30.67
N PHE B 355 -4.34 -22.65 -29.99
CA PHE B 355 -4.45 -23.72 -29.02
C PHE B 355 -4.32 -25.08 -29.72
N GLN B 356 -4.91 -25.19 -30.91
CA GLN B 356 -4.84 -26.43 -31.66
C GLN B 356 -3.40 -26.73 -32.04
N LYS B 357 -2.73 -25.74 -32.62
CA LYS B 357 -1.35 -25.88 -33.05
C LYS B 357 -0.46 -26.36 -31.92
N GLN B 358 -0.66 -25.80 -30.73
CA GLN B 358 0.16 -26.16 -29.58
C GLN B 358 -0.39 -27.32 -28.78
N ASN B 359 -1.37 -28.01 -29.36
CA ASN B 359 -2.01 -29.17 -28.76
C ASN B 359 -2.64 -28.94 -27.40
N VAL B 360 -3.26 -27.79 -27.21
CA VAL B 360 -3.91 -27.49 -25.94
C VAL B 360 -5.43 -27.51 -26.14
N THR B 361 -6.11 -28.26 -25.29
CA THR B 361 -7.57 -28.37 -25.36
C THR B 361 -8.28 -27.04 -25.36
N ILE B 362 -9.24 -26.91 -26.28
CA ILE B 362 -10.06 -25.72 -26.39
C ILE B 362 -11.27 -26.08 -27.25
N MET B 363 -12.37 -25.36 -27.04
CA MET B 363 -13.59 -25.63 -27.78
C MET B 363 -14.17 -24.36 -28.36
N ASP B 364 -14.65 -24.42 -29.60
CA ASP B 364 -15.26 -23.26 -30.23
C ASP B 364 -16.69 -23.12 -29.70
N HIS B 365 -17.26 -21.93 -29.82
CA HIS B 365 -18.60 -21.68 -29.32
C HIS B 365 -19.73 -22.40 -30.03
N HIS B 366 -19.55 -22.71 -31.30
CA HIS B 366 -20.57 -23.43 -32.06
C HIS B 366 -20.69 -24.85 -31.53
N THR B 367 -19.56 -25.53 -31.41
CA THR B 367 -19.54 -26.90 -30.91
C THR B 367 -20.06 -26.94 -29.47
N ALA B 368 -19.65 -25.96 -28.66
CA ALA B 368 -20.08 -25.90 -27.27
C ALA B 368 -21.59 -25.76 -27.15
N SER B 369 -22.16 -24.90 -27.98
CA SER B 369 -23.60 -24.69 -27.96
C SER B 369 -24.36 -25.96 -28.34
N GLU B 370 -23.91 -26.67 -29.37
CA GLU B 370 -24.58 -27.89 -29.77
C GLU B 370 -24.46 -28.88 -28.64
N SER B 371 -23.30 -28.84 -27.99
CA SER B 371 -23.04 -29.72 -26.87
C SER B 371 -24.06 -29.50 -25.75
N PHE B 372 -24.27 -28.24 -25.40
CA PHE B 372 -25.20 -27.93 -24.33
C PHE B 372 -26.63 -28.30 -24.68
N MET B 373 -27.02 -28.13 -25.93
CA MET B 373 -28.38 -28.46 -26.36
C MET B 373 -28.64 -29.94 -26.14
N LYS B 374 -27.66 -30.78 -26.47
CA LYS B 374 -27.80 -32.22 -26.29
C LYS B 374 -27.91 -32.50 -24.80
N HIS B 375 -27.14 -31.76 -24.02
CA HIS B 375 -27.15 -31.93 -22.57
C HIS B 375 -28.52 -31.56 -22.01
N MET B 376 -29.00 -30.40 -22.42
CA MET B 376 -30.29 -29.92 -21.95
C MET B 376 -31.37 -30.94 -22.27
N GLN B 377 -31.29 -31.50 -23.47
CA GLN B 377 -32.25 -32.49 -23.91
C GLN B 377 -32.14 -33.72 -23.00
N ASN B 378 -30.93 -34.17 -22.73
CA ASN B 378 -30.75 -35.33 -21.86
C ASN B 378 -31.32 -35.07 -20.47
N GLU B 379 -31.14 -33.85 -19.99
CA GLU B 379 -31.59 -33.48 -18.66
C GLU B 379 -33.10 -33.44 -18.47
N TYR B 380 -33.83 -32.97 -19.46
CA TYR B 380 -35.28 -32.94 -19.33
C TYR B 380 -35.81 -34.37 -19.26
N ARG B 381 -35.20 -35.26 -20.02
CA ARG B 381 -35.58 -36.66 -20.03
C ARG B 381 -35.24 -37.31 -18.69
N ALA B 382 -34.03 -37.04 -18.21
CA ALA B 382 -33.55 -37.61 -16.95
C ALA B 382 -34.26 -37.08 -15.71
N ARG B 383 -34.44 -35.77 -15.60
CA ARG B 383 -35.11 -35.24 -14.42
C ARG B 383 -36.11 -34.11 -14.63
N GLY B 384 -36.59 -33.96 -15.86
CA GLY B 384 -37.57 -32.94 -16.17
C GLY B 384 -37.16 -31.50 -15.91
N GLY B 385 -35.94 -31.15 -16.33
CA GLY B 385 -35.49 -29.79 -16.14
C GLY B 385 -33.99 -29.63 -16.22
N CYS B 386 -33.58 -28.38 -16.44
CA CYS B 386 -32.17 -28.03 -16.52
C CYS B 386 -32.08 -26.55 -16.23
N PRO B 387 -31.61 -26.18 -15.03
CA PRO B 387 -31.50 -24.76 -14.74
C PRO B 387 -30.52 -24.16 -15.74
N ALA B 388 -30.91 -23.07 -16.39
CA ALA B 388 -30.06 -22.43 -17.38
C ALA B 388 -30.24 -20.93 -17.46
N ASP B 389 -29.12 -20.22 -17.53
CA ASP B 389 -29.11 -18.76 -17.62
C ASP B 389 -28.79 -18.39 -19.07
N TRP B 390 -29.83 -18.08 -19.84
CA TRP B 390 -29.73 -17.71 -21.25
C TRP B 390 -28.68 -16.62 -21.47
N ILE B 391 -28.77 -15.56 -20.68
CA ILE B 391 -27.86 -14.45 -20.81
C ILE B 391 -26.39 -14.87 -20.75
N TRP B 392 -26.11 -15.97 -20.04
CA TRP B 392 -24.74 -16.46 -19.93
C TRP B 392 -24.39 -17.58 -20.91
N LEU B 393 -25.37 -18.41 -21.25
CA LEU B 393 -25.12 -19.52 -22.17
C LEU B 393 -24.97 -19.11 -23.63
N VAL B 394 -25.55 -17.99 -24.03
CA VAL B 394 -25.39 -17.54 -25.41
C VAL B 394 -24.03 -16.84 -25.55
N PRO B 395 -23.15 -17.36 -26.42
CA PRO B 395 -21.82 -16.80 -26.66
C PRO B 395 -21.80 -15.31 -26.95
N PRO B 396 -20.69 -14.63 -26.62
CA PRO B 396 -20.52 -13.18 -26.83
C PRO B 396 -20.48 -12.75 -28.29
N VAL B 397 -20.52 -13.71 -29.21
CA VAL B 397 -20.56 -13.41 -30.64
C VAL B 397 -21.40 -14.48 -31.33
N SER B 398 -21.97 -14.16 -32.48
CA SER B 398 -22.79 -15.10 -33.25
C SER B 398 -23.98 -15.68 -32.49
N GLY B 399 -24.58 -14.88 -31.62
CA GLY B 399 -25.71 -15.32 -30.83
C GLY B 399 -26.73 -16.24 -31.51
N SER B 400 -27.55 -15.69 -32.40
CA SER B 400 -28.59 -16.47 -33.07
C SER B 400 -28.07 -17.51 -34.05
N ILE B 401 -26.76 -17.49 -34.30
CA ILE B 401 -26.18 -18.47 -35.20
C ILE B 401 -25.97 -19.77 -34.41
N THR B 402 -26.13 -19.68 -33.09
CA THR B 402 -25.97 -20.85 -32.24
C THR B 402 -27.37 -21.33 -31.83
N PRO B 403 -27.53 -22.64 -31.58
CA PRO B 403 -28.86 -23.12 -31.18
C PRO B 403 -29.41 -22.65 -29.84
N VAL B 404 -28.55 -22.45 -28.85
CA VAL B 404 -29.01 -22.04 -27.53
C VAL B 404 -29.83 -20.77 -27.57
N PHE B 405 -29.46 -19.86 -28.48
CA PHE B 405 -30.16 -18.59 -28.63
C PHE B 405 -31.67 -18.77 -28.85
N HIS B 406 -32.02 -19.80 -29.62
CA HIS B 406 -33.42 -20.07 -29.95
C HIS B 406 -34.18 -20.92 -28.93
N GLN B 407 -33.48 -21.30 -27.87
CA GLN B 407 -34.05 -22.13 -26.82
C GLN B 407 -34.53 -21.32 -25.62
N GLU B 408 -35.82 -21.42 -25.29
CA GLU B 408 -36.33 -20.71 -24.12
C GLU B 408 -35.81 -21.52 -22.95
N MET B 409 -35.38 -20.83 -21.91
CA MET B 409 -34.82 -21.50 -20.74
C MET B 409 -35.37 -21.00 -19.44
N LEU B 410 -35.25 -21.84 -18.42
CA LEU B 410 -35.71 -21.53 -17.08
C LEU B 410 -34.50 -21.51 -16.16
N ASN B 411 -34.35 -20.44 -15.39
CA ASN B 411 -33.22 -20.30 -14.47
C ASN B 411 -33.65 -20.35 -13.01
N TYR B 412 -33.07 -21.26 -12.25
CA TYR B 412 -33.39 -21.39 -10.83
C TYR B 412 -32.23 -22.01 -10.06
N VAL B 413 -32.22 -21.81 -8.74
CA VAL B 413 -31.15 -22.35 -7.91
C VAL B 413 -31.53 -23.63 -7.19
N LEU B 414 -30.77 -24.69 -7.43
CA LEU B 414 -31.02 -25.97 -6.78
C LEU B 414 -29.91 -26.18 -5.73
N SER B 415 -29.73 -27.42 -5.31
CA SER B 415 -28.68 -27.75 -4.33
C SER B 415 -28.33 -29.21 -4.54
N PRO B 416 -27.02 -29.55 -4.49
CA PRO B 416 -25.86 -28.67 -4.25
C PRO B 416 -25.74 -27.55 -5.28
N PHE B 417 -25.01 -26.50 -4.93
CA PHE B 417 -24.86 -25.35 -5.82
C PHE B 417 -23.52 -24.62 -5.58
N TYR B 418 -22.99 -23.97 -6.63
CA TYR B 418 -21.76 -23.20 -6.53
C TYR B 418 -22.20 -21.74 -6.49
N TYR B 419 -22.00 -21.09 -5.36
CA TYR B 419 -22.39 -19.69 -5.19
C TYR B 419 -21.21 -18.74 -5.28
N TYR B 420 -21.54 -17.46 -5.39
CA TYR B 420 -20.53 -16.41 -5.39
C TYR B 420 -20.37 -16.10 -3.89
N GLN B 421 -19.38 -15.30 -3.55
CA GLN B 421 -19.16 -14.92 -2.16
C GLN B 421 -18.84 -13.44 -2.13
N ILE B 422 -18.85 -12.83 -0.95
CA ILE B 422 -18.50 -11.42 -0.83
C ILE B 422 -16.99 -11.40 -0.92
N GLU B 423 -16.42 -10.45 -1.63
CA GLU B 423 -14.97 -10.38 -1.73
C GLU B 423 -14.41 -10.42 -0.31
N PRO B 424 -13.49 -11.36 -0.04
CA PRO B 424 -12.88 -11.52 1.28
C PRO B 424 -12.25 -10.27 1.91
N TRP B 425 -11.57 -9.46 1.10
CA TRP B 425 -10.95 -8.25 1.64
C TRP B 425 -11.98 -7.27 2.16
N LYS B 426 -13.25 -7.54 1.89
CA LYS B 426 -14.31 -6.65 2.34
C LYS B 426 -14.88 -7.07 3.70
N THR B 427 -14.65 -8.31 4.09
CA THR B 427 -15.17 -8.82 5.35
C THR B 427 -14.11 -9.54 6.17
N HIS B 428 -12.85 -9.18 5.98
CA HIS B 428 -11.80 -9.84 6.72
C HIS B 428 -11.32 -9.06 7.93
N ILE B 429 -11.26 -9.75 9.06
CA ILE B 429 -10.78 -9.14 10.29
C ILE B 429 -9.30 -9.48 10.35
N TRP B 430 -8.46 -8.51 10.01
CA TRP B 430 -7.02 -8.74 10.02
C TRP B 430 -6.46 -8.87 11.43
N GLN B 431 -5.43 -9.70 11.57
CA GLN B 431 -4.78 -9.93 12.85
C GLN B 431 -3.80 -8.80 13.16
N ASN B 432 -2.77 -8.67 12.33
CA ASN B 432 -1.76 -7.63 12.52
C ASN B 432 -1.23 -7.13 11.17
CHA HEM C . 20.94 21.65 12.58
CHB HEM C . 22.32 25.62 10.25
CHC HEM C . 18.69 27.97 12.28
CHD HEM C . 17.77 24.17 15.12
C1A HEM C . 21.52 22.47 11.63
C2A HEM C . 22.41 22.03 10.56
C3A HEM C . 22.84 23.16 9.96
C4A HEM C . 22.21 24.29 10.62
CMA HEM C . 23.84 23.17 8.78
CAA HEM C . 22.77 20.61 10.15
CBA HEM C . 21.57 19.82 9.64
CGA HEM C . 21.92 18.37 9.30
O1A HEM C . 20.99 17.54 9.24
O2A HEM C . 23.10 18.07 9.07
C1B HEM C . 21.58 26.68 10.72
C2B HEM C . 21.58 28.02 10.14
C3B HEM C . 20.53 28.70 10.67
C4B HEM C . 19.88 27.77 11.59
CMB HEM C . 22.54 28.54 9.06
CAB HEM C . 20.22 30.00 10.25
CBB HEM C . 19.53 30.98 10.93
C1C HEM C . 18.04 27.12 13.16
C2C HEM C . 16.84 27.45 13.90
C3C HEM C . 16.62 26.40 14.78
C4C HEM C . 17.68 25.43 14.52
CMC HEM C . 15.98 28.72 13.70
CAC HEM C . 15.61 26.23 15.72
CBC HEM C . 14.71 27.17 16.18
C1D HEM C . 18.63 23.16 14.77
C2D HEM C . 18.61 21.84 15.31
C3D HEM C . 19.48 21.13 14.57
C4D HEM C . 20.05 22.01 13.58
CMD HEM C . 17.86 21.27 16.52
CAD HEM C . 19.70 19.63 14.71
CBD HEM C . 18.93 18.92 13.63
CGD HEM C . 18.99 17.43 13.80
O1D HEM C . 18.69 16.71 12.83
O2D HEM C . 19.34 16.98 14.91
NA HEM C . 21.38 23.85 11.62
NB HEM C . 20.55 26.56 11.62
NC HEM C . 18.53 25.89 13.52
ND HEM C . 19.53 23.26 13.73
FE HEM C . 20.21 24.96 12.83
N1 H4B D . 26.90 16.32 10.71
C2 H4B D . 25.78 16.86 10.26
N2 H4B D . 25.87 18.18 10.42
N3 H4B D . 24.73 16.24 9.74
C4 H4B D . 24.92 14.92 9.71
O4 H4B D . 24.07 14.20 9.17
C4A H4B D . 25.91 14.03 10.18
C8A H4B D . 26.83 14.99 10.66
N5 H4B D . 26.08 12.71 10.24
N8 H4B D . 27.94 14.47 11.20
C6 H4B D . 27.37 12.21 10.71
C7 H4B D . 28.39 13.17 11.14
C9 H4B D . 26.60 10.88 10.76
O9 H4B D . 27.04 10.28 9.55
C10 H4B D . 27.74 10.15 11.49
C11 H4B D . 27.82 8.61 11.53
O10 H4B D . 27.46 10.11 12.90
C1 328 E . 17.28 16.64 3.14
C2 328 E . 17.72 15.28 2.98
C3 328 E . 17.91 14.43 4.13
C7 328 E . 18.34 13.09 3.98
C9 328 E . 16.38 24.50 11.31
C10 328 E . 16.78 20.84 5.67
C12 328 E . 18.62 19.16 6.06
C13 328 E . 18.41 19.14 7.57
C14 328 E . 17.90 20.51 8.02
C15 328 E . 16.58 20.93 7.21
C16 328 E . 16.55 18.56 4.71
C19 328 E . 18.10 24.69 9.52
C20 328 E . 18.95 25.53 8.79
C21 328 E . 19.82 25.00 7.80
C24 328 E . 18.11 23.29 9.25
N25 328 E . 18.68 12.00 3.86
C6 328 E . 17.02 17.13 4.47
C5 328 E . 17.22 16.25 5.60
C4 328 E . 17.66 14.92 5.42
N17 328 E . 19.03 21.44 7.91
N11 328 E . 17.30 19.48 5.45
O8 328 E . 15.48 18.84 4.22
O18 328 E . 17.29 25.27 10.50
C23 328 E . 18.98 22.79 8.24
N22 328 E . 19.80 23.66 7.56
S SO4 F . 47.98 24.11 27.86
O1 SO4 F . 48.77 24.22 26.62
O2 SO4 F . 46.88 23.15 27.69
O3 SO4 F . 48.85 23.65 28.96
O4 SO4 F . 47.42 25.45 28.19
S SO4 G . 43.87 27.14 32.77
O1 SO4 G . 44.71 26.96 33.97
O2 SO4 G . 42.81 26.12 32.77
O3 SO4 G . 43.28 28.49 32.79
O4 SO4 G . 44.69 27.00 31.55
CHA HEM H . -18.99 -20.95 -16.27
CHB HEM H . -17.39 -23.67 -19.93
CHC HEM H . -16.33 -27.10 -16.82
CHD HEM H . -18.47 -24.65 -13.30
C1A HEM H . -18.48 -21.34 -17.51
C2A HEM H . -18.32 -20.46 -18.63
C3A HEM H . -17.92 -21.22 -19.66
C4A HEM H . -17.81 -22.57 -19.17
CMA HEM H . -17.61 -20.70 -21.08
CAA HEM H . -18.49 -18.95 -18.68
CBA HEM H . -17.36 -18.22 -17.96
CGA HEM H . -17.57 -16.72 -17.93
O1A HEM H . -17.08 -16.07 -17.00
O2A HEM H . -18.24 -16.19 -18.86
C1B HEM H . -17.09 -24.93 -19.44
C2B HEM H . -16.46 -25.96 -20.22
C3B HEM H . -16.12 -26.93 -19.37
C4B HEM H . -16.54 -26.48 -18.02
CMB HEM H . -16.20 -25.91 -21.73
CAB HEM H . -15.45 -28.08 -19.81
CBB HEM H . -15.27 -29.29 -19.13
C1C HEM H . -16.73 -26.70 -15.55
C2C HEM H . -16.51 -27.45 -14.30
C3C HEM H . -17.20 -26.79 -13.31
C4C HEM H . -17.78 -25.63 -13.95
CMC HEM H . -15.61 -28.67 -14.13
CAC HEM H . -17.35 -27.15 -11.96
CBC HEM H . -17.07 -28.39 -11.37
C1D HEM H . -18.92 -23.46 -13.82
C2D HEM H . -19.55 -22.43 -13.04
C3D HEM H . -19.67 -21.38 -13.86
C4D HEM H . -19.13 -21.77 -15.16
CMD HEM H . -20.04 -22.47 -11.59
CAD HEM H . -20.23 -20.03 -13.44
CBD HEM H . -19.07 -19.09 -13.16
CGD HEM H . -19.52 -17.69 -12.85
O1D HEM H . -18.67 -16.78 -12.88
O2D HEM H . -20.72 -17.48 -12.56
NA HEM H . -18.12 -22.61 -17.84
NB HEM H . -17.16 -25.27 -18.11
NC HEM H . -17.48 -25.58 -15.31
ND HEM H . -18.71 -23.07 -15.11
FE HEM H . -18.20 -24.27 -16.70
N1 H4B I . -22.08 -14.35 -20.36
C2 H4B I . -21.02 -14.87 -19.76
N2 H4B I . -20.97 -16.15 -20.10
N3 H4B I . -20.11 -14.29 -18.97
C4 H4B I . -20.26 -12.98 -18.72
O4 H4B I . -19.45 -12.22 -18.18
C4A H4B I . -21.41 -12.25 -19.07
C8A H4B I . -22.17 -13.12 -19.89
N5 H4B I . -21.74 -11.00 -18.71
N8 H4B I . -23.31 -12.59 -20.33
C6 H4B I . -23.04 -10.57 -19.22
C7 H4B I . -23.89 -11.36 -20.11
C9 H4B I . -22.84 -9.23 -18.50
O9 H4B I . -22.51 -8.13 -19.37
C10 H4B I . -24.26 -8.64 -18.45
C11 H4B I . -24.77 -7.28 -17.98
O10 H4B I . -25.10 -9.49 -17.66
C1 328 J . -10.23 -13.76 -17.11
C2 328 J . -10.60 -12.37 -17.11
C3 328 J . -11.75 -11.91 -16.36
C7 328 J . -12.13 -10.55 -16.37
C9 328 J . -14.73 -23.85 -14.53
C10 328 J . -11.27 -18.58 -16.63
C12 328 J . -12.95 -16.80 -17.33
C13 328 J . -14.01 -17.33 -16.36
C14 328 J . -13.84 -18.85 -16.18
C15 328 J . -12.36 -19.19 -15.68
C16 328 J . -10.70 -16.17 -16.28
C19 328 J . -14.39 -23.19 -16.90
C20 328 J . -14.22 -23.61 -18.23
C21 328 J . -14.07 -22.66 -19.26
C24 328 J . -14.40 -21.80 -16.61
N25 328 J . -12.46 -9.44 -16.35
C6 328 J . -11.02 -14.68 -16.33
C5 328 J . -12.16 -14.19 -15.59
C4 328 J . -12.51 -12.82 -15.60
N17 328 J . -14.24 -19.49 -17.46
N11 328 J . -11.61 -17.14 -16.73
O8 328 J . -9.63 -16.46 -15.81
O18 328 J . -14.55 -24.17 -15.93
C23 328 J . -14.25 -20.87 -17.68
N22 328 J . -14.09 -21.33 -18.96
S SO4 K . -46.98 -23.77 -29.72
O1 SO4 K . -46.41 -23.08 -30.89
O2 SO4 K . -48.45 -23.74 -29.80
O3 SO4 K . -46.53 -25.18 -29.72
O4 SO4 K . -46.55 -23.10 -28.48
S SO4 L . -47.64 -29.17 -25.29
O1 SO4 L . -47.81 -28.59 -23.94
O2 SO4 L . -48.93 -29.17 -25.99
O3 SO4 L . -46.68 -28.35 -26.05
O4 SO4 L . -47.13 -30.55 -25.19
#